data_3HE2
#
_entry.id   3HE2
#
_cell.length_a   70.120
_cell.length_b   76.470
_cell.length_c   134.270
_cell.angle_alpha   90.00
_cell.angle_beta   90.00
_cell.angle_gamma   90.00
#
_symmetry.space_group_name_H-M   'P 21 21 21'
#
loop_
_entity.id
_entity.type
_entity.pdbx_description
1 polymer 'enoyl-CoA hydratase echA6'
2 non-polymer 'TRIETHYLENE GLYCOL'
3 water water
#
_entity_poly.entity_id   1
_entity_poly.type   'polypeptide(L)'
_entity_poly.pdbx_seq_one_letter_code
;MAHHHHHHMGTLEAQTQGPGSMIGITQAEAVLTIELQRPERRNALNSQLVEELTQAIRKAGDGSARAIVLTGQGTAFCAG
ADLSGDAFAADYPDRLIELHKAMDASPMPVVGAINGPAIGAGLQLAMQCDLRVVAPDAFFQFPTSKYGLALDNWSIRRLS
SLVGHGRARAMLLSAEKLTAEIALHTGMANRIGTLADAQAWAAEIARLAPLAIQHAKRVLNDDGAIEEAWPAHKELFDKA
WGSQDVIEAQVARMEKRPPKFQGA
;
_entity_poly.pdbx_strand_id   A,B,C
#
loop_
_chem_comp.id
_chem_comp.type
_chem_comp.name
_chem_comp.formula
PGE non-polymer 'TRIETHYLENE GLYCOL' 'C6 H14 O4'
#
# COMPACT_ATOMS: atom_id res chain seq x y z
N MET A 22 18.01 28.93 11.32
CA MET A 22 17.73 28.91 12.80
C MET A 22 16.33 28.28 13.11
N ILE A 23 16.14 27.93 14.39
CA ILE A 23 14.96 27.22 14.85
C ILE A 23 14.39 27.74 16.18
N GLY A 24 13.07 27.64 16.31
CA GLY A 24 12.40 27.88 17.60
C GLY A 24 12.22 26.57 18.33
N ILE A 25 12.65 26.52 19.59
CA ILE A 25 12.45 25.36 20.45
C ILE A 25 11.64 25.82 21.67
N THR A 26 10.50 25.17 21.92
CA THR A 26 9.65 25.38 23.11
C THR A 26 9.10 24.04 23.57
N GLN A 27 8.84 23.91 24.86
CA GLN A 27 8.20 22.73 25.44
C GLN A 27 7.01 23.14 26.33
N ALA A 28 5.90 22.45 26.18
CA ALA A 28 4.78 22.58 27.10
C ALA A 28 4.41 21.20 27.64
N GLU A 29 4.44 21.11 28.96
CA GLU A 29 4.17 19.87 29.62
C GLU A 29 5.19 18.92 28.99
N ALA A 30 4.73 17.85 28.32
CA ALA A 30 5.59 16.80 27.80
C ALA A 30 5.86 16.87 26.28
N VAL A 31 5.44 17.95 25.62
CA VAL A 31 5.57 18.11 24.17
C VAL A 31 6.61 19.16 23.76
N LEU A 32 7.69 18.73 23.13
CA LEU A 32 8.69 19.65 22.58
C LEU A 32 8.31 20.00 21.15
N THR A 33 8.18 21.30 20.85
CA THR A 33 7.80 21.81 19.52
C THR A 33 9.02 22.44 18.90
N ILE A 34 9.38 21.99 17.69
CA ILE A 34 10.56 22.50 16.99
C ILE A 34 10.02 23.16 15.75
N GLU A 35 10.41 24.41 15.53
CA GLU A 35 9.86 25.23 14.47
C GLU A 35 10.96 25.64 13.56
N LEU A 36 10.86 25.30 12.27
CA LEU A 36 11.86 25.79 11.32
C LEU A 36 11.59 27.25 11.16
N GLN A 37 12.65 28.05 11.26
CA GLN A 37 12.48 29.52 11.22
C GLN A 37 13.32 30.21 10.15
N ARG A 38 13.01 29.93 8.88
CA ARG A 38 13.55 30.63 7.72
C ARG A 38 12.39 30.95 6.77
N PRO A 39 11.38 31.68 7.22
CA PRO A 39 10.16 31.84 6.43
C PRO A 39 10.40 32.61 5.15
N GLU A 40 11.53 33.32 5.08
CA GLU A 40 11.99 34.07 3.92
C GLU A 40 12.27 33.19 2.71
N ARG A 41 12.88 32.05 3.01
CA ARG A 41 13.30 31.09 2.01
C ARG A 41 12.33 29.89 2.08
N ARG A 42 11.10 30.15 2.54
CA ARG A 42 10.09 29.11 2.74
C ARG A 42 10.66 27.88 3.41
N ASN A 43 11.48 28.11 4.41
CA ASN A 43 12.06 27.05 5.22
C ASN A 43 12.88 26.02 4.48
N ALA A 44 13.36 26.38 3.28
CA ALA A 44 14.33 25.60 2.52
C ALA A 44 15.52 25.21 3.38
N LEU A 45 15.93 23.96 3.28
CA LEU A 45 17.02 23.48 4.09
C LEU A 45 18.39 24.00 3.62
N ASN A 46 19.24 24.28 4.59
CA ASN A 46 20.65 24.44 4.32
C ASN A 46 21.41 23.70 5.39
N SER A 47 22.71 23.88 5.38
CA SER A 47 23.59 23.10 6.21
C SER A 47 23.32 23.40 7.67
N GLN A 48 23.18 24.69 7.96
CA GLN A 48 22.98 25.16 9.32
C GLN A 48 21.63 24.73 9.88
N LEU A 49 20.54 24.91 9.10
CA LEU A 49 19.21 24.54 9.58
C LEU A 49 19.19 23.07 9.89
N VAL A 50 19.79 22.28 9.00
CA VAL A 50 19.83 20.83 9.18
C VAL A 50 20.63 20.44 10.41
N GLU A 51 21.77 21.09 10.68
CA GLU A 51 22.53 20.79 11.93
C GLU A 51 21.72 21.14 13.16
N GLU A 52 21.04 22.29 13.16
CA GLU A 52 20.24 22.69 14.33
C GLU A 52 19.05 21.76 14.62
N LEU A 53 18.35 21.31 13.58
CA LEU A 53 17.24 20.37 13.72
C LEU A 53 17.75 19.07 14.29
N THR A 54 18.85 18.57 13.74
CA THR A 54 19.45 17.33 14.23
C THR A 54 19.72 17.39 15.72
N GLN A 55 20.47 18.42 16.14
CA GLN A 55 20.79 18.63 17.56
C GLN A 55 19.52 18.64 18.38
N ALA A 56 18.55 19.44 17.96
CA ALA A 56 17.27 19.53 18.68
C ALA A 56 16.53 18.16 18.79
N ILE A 57 16.52 17.36 17.73
CA ILE A 57 15.88 16.04 17.83
C ILE A 57 16.61 15.21 18.88
N ARG A 58 17.94 15.18 18.81
CA ARG A 58 18.72 14.37 19.75
C ARG A 58 18.48 14.58 21.26
N LYS A 59 18.08 15.77 21.72
CA LYS A 59 17.49 15.93 23.07
C LYS A 59 15.92 16.08 23.02
N ALA A 60 15.08 15.32 23.75
CA ALA A 60 15.42 14.35 24.86
C ALA A 60 16.41 14.84 25.96
N SER A 64 12.80 14.71 29.40
CA SER A 64 11.44 14.93 29.95
C SER A 64 10.33 14.94 28.91
N ALA A 65 10.65 15.36 27.69
CA ALA A 65 9.68 15.34 26.59
C ALA A 65 9.32 13.91 26.27
N ARG A 66 8.04 13.67 26.00
CA ARG A 66 7.57 12.36 25.54
C ARG A 66 7.11 12.38 24.05
N ALA A 67 6.97 13.58 23.47
CA ALA A 67 6.60 13.76 22.07
C ALA A 67 7.18 15.06 21.49
N ILE A 68 7.47 15.04 20.20
CA ILE A 68 7.93 16.20 19.43
C ILE A 68 6.88 16.59 18.40
N VAL A 69 6.76 17.90 18.14
CA VAL A 69 6.06 18.38 16.96
C VAL A 69 7.07 19.13 16.13
N LEU A 70 7.08 18.88 14.83
CA LEU A 70 7.93 19.59 13.92
C LEU A 70 6.98 20.34 13.02
N THR A 71 7.20 21.65 12.92
CA THR A 71 6.40 22.54 12.12
C THR A 71 7.29 23.63 11.53
N GLY A 72 6.75 24.39 10.59
CA GLY A 72 7.47 25.51 9.99
C GLY A 72 6.79 26.86 10.20
N GLN A 73 7.60 27.92 10.25
CA GLN A 73 7.14 29.30 10.32
C GLN A 73 6.72 29.81 8.96
N GLY A 74 5.61 30.54 8.89
CA GLY A 74 5.18 31.19 7.63
C GLY A 74 4.26 30.35 6.79
N THR A 75 4.37 30.49 5.48
CA THR A 75 3.42 29.89 4.53
C THR A 75 3.79 28.43 4.12
N ALA A 76 5.05 28.06 4.34
CA ALA A 76 5.59 26.76 3.95
C ALA A 76 6.00 25.92 5.14
N PHE A 77 5.82 24.61 5.06
CA PHE A 77 6.49 23.71 6.02
C PHE A 77 7.95 23.66 5.71
N CYS A 78 8.26 23.37 4.45
CA CYS A 78 9.64 23.35 3.95
C CYS A 78 9.60 23.20 2.42
N ALA A 79 9.99 24.27 1.73
CA ALA A 79 9.96 24.30 0.29
C ALA A 79 11.12 23.61 -0.45
N GLY A 80 12.07 23.00 0.24
CA GLY A 80 13.13 22.27 -0.45
C GLY A 80 14.49 22.47 0.19
N ALA A 81 15.53 22.49 -0.66
CA ALA A 81 16.92 22.69 -0.26
C ALA A 81 17.43 23.93 -0.99
N ASP A 82 18.02 24.88 -0.27
CA ASP A 82 18.57 26.09 -0.88
C ASP A 82 19.95 26.32 -0.31
N LEU A 83 20.95 25.84 -1.04
CA LEU A 83 22.34 25.89 -0.62
C LEU A 83 23.10 27.13 -1.14
N SER A 84 22.39 28.05 -1.79
CA SER A 84 23.02 29.28 -2.24
C SER A 84 23.30 30.12 -1.00
N GLY A 85 24.48 30.74 -0.95
CA GLY A 85 24.86 31.53 0.23
C GLY A 85 25.30 30.68 1.44
N ASP A 86 24.92 29.42 1.45
CA ASP A 86 25.44 28.49 2.42
C ASP A 86 26.90 28.18 2.12
N ALA A 87 27.79 28.58 3.03
CA ALA A 87 29.23 28.43 2.84
C ALA A 87 29.73 27.01 3.11
N PHE A 88 29.03 26.27 3.96
CA PHE A 88 29.39 24.88 4.23
C PHE A 88 28.55 23.87 3.38
N ALA A 89 28.20 24.27 2.15
CA ALA A 89 27.35 23.48 1.24
C ALA A 89 27.82 22.06 0.93
N ALA A 90 29.13 21.81 0.91
CA ALA A 90 29.62 20.46 0.59
C ALA A 90 29.34 19.46 1.74
N ASP A 91 29.04 19.99 2.93
CA ASP A 91 28.73 19.18 4.11
C ASP A 91 27.26 18.69 4.13
N TYR A 92 26.41 19.30 3.31
CA TYR A 92 24.95 19.22 3.45
C TYR A 92 24.39 17.79 3.36
N PRO A 93 24.73 17.03 2.32
CA PRO A 93 24.25 15.64 2.22
C PRO A 93 24.50 14.85 3.50
N ASP A 94 25.69 15.03 4.05
CA ASP A 94 26.05 14.39 5.28
C ASP A 94 25.20 14.80 6.49
N ARG A 95 24.95 16.10 6.63
CA ARG A 95 24.11 16.59 7.72
C ARG A 95 22.68 16.02 7.58
N LEU A 96 22.17 16.00 6.35
CA LEU A 96 20.81 15.52 6.06
C LEU A 96 20.65 14.06 6.49
N ILE A 97 21.64 13.23 6.15
CA ILE A 97 21.70 11.86 6.62
C ILE A 97 21.71 11.76 8.14
N GLU A 98 22.50 12.61 8.82
CA GLU A 98 22.48 12.69 10.29
C GLU A 98 21.08 12.98 10.82
N LEU A 99 20.43 13.97 10.22
CA LEU A 99 19.09 14.41 10.63
C LEU A 99 18.07 13.26 10.53
N HIS A 100 18.09 12.58 9.39
CA HIS A 100 17.17 11.50 9.17
C HIS A 100 17.51 10.32 10.08
N LYS A 101 18.81 10.04 10.24
CA LYS A 101 19.27 9.07 11.19
C LYS A 101 18.74 9.40 12.62
N ALA A 102 18.84 10.67 13.03
CA ALA A 102 18.37 11.07 14.36
C ALA A 102 16.84 10.97 14.48
N MET A 103 16.13 11.27 13.39
CA MET A 103 14.69 11.17 13.47
C MET A 103 14.23 9.69 13.53
N ASP A 104 14.83 8.84 12.69
CA ASP A 104 14.50 7.43 12.63
C ASP A 104 14.78 6.75 13.97
N ALA A 105 15.89 7.16 14.59
CA ALA A 105 16.38 6.59 15.82
C ALA A 105 15.74 7.20 17.05
N SER A 106 14.98 8.28 16.94
CA SER A 106 14.48 8.92 18.18
C SER A 106 13.37 8.06 18.75
N PRO A 107 13.37 7.84 20.07
CA PRO A 107 12.32 7.10 20.72
C PRO A 107 11.05 7.91 20.89
N MET A 108 11.10 9.17 20.49
CA MET A 108 9.94 10.05 20.55
C MET A 108 9.14 9.96 19.27
N PRO A 109 7.82 9.98 19.39
CA PRO A 109 6.99 10.13 18.23
C PRO A 109 7.06 11.60 17.78
N VAL A 110 7.28 11.81 16.49
CA VAL A 110 7.39 13.13 15.95
C VAL A 110 6.16 13.40 15.14
N VAL A 111 5.41 14.41 15.55
CA VAL A 111 4.20 14.78 14.85
C VAL A 111 4.59 15.98 14.01
N GLY A 112 4.51 15.82 12.67
CA GLY A 112 4.76 16.91 11.77
C GLY A 112 3.51 17.75 11.65
N ALA A 113 3.57 19.02 12.05
CA ALA A 113 2.46 19.92 11.78
C ALA A 113 2.79 20.62 10.48
N ILE A 114 2.30 20.04 9.37
CA ILE A 114 2.69 20.51 8.05
C ILE A 114 1.82 21.70 7.70
N ASN A 115 2.34 22.89 7.94
CA ASN A 115 1.54 24.13 7.98
C ASN A 115 1.35 24.75 6.63
N GLY A 116 2.15 24.31 5.66
CA GLY A 116 1.97 24.63 4.25
C GLY A 116 2.86 23.65 3.45
N PRO A 117 3.20 24.01 2.21
CA PRO A 117 3.86 23.10 1.31
C PRO A 117 5.15 22.41 1.80
N ALA A 118 5.25 21.13 1.43
CA ALA A 118 6.40 20.29 1.73
C ALA A 118 6.80 19.75 0.37
N ILE A 119 7.94 20.23 -0.12
CA ILE A 119 8.43 20.02 -1.48
C ILE A 119 9.90 19.63 -1.43
N GLY A 120 10.26 18.62 -2.21
CA GLY A 120 11.62 18.14 -2.33
C GLY A 120 12.15 17.58 -1.02
N ALA A 121 13.18 18.22 -0.48
CA ALA A 121 13.76 17.77 0.78
C ALA A 121 12.75 17.99 1.91
N GLY A 122 11.82 18.92 1.71
CA GLY A 122 10.77 19.16 2.67
C GLY A 122 9.72 18.09 2.79
N LEU A 123 9.35 17.50 1.64
CA LEU A 123 8.44 16.34 1.63
C LEU A 123 9.17 15.18 2.24
N GLN A 124 10.44 15.04 1.92
CA GLN A 124 11.29 14.02 2.55
C GLN A 124 11.32 14.16 4.09
N LEU A 125 11.42 15.40 4.58
CA LEU A 125 11.40 15.66 5.99
C LEU A 125 10.02 15.32 6.59
N ALA A 126 8.95 15.76 5.92
CA ALA A 126 7.57 15.50 6.38
C ALA A 126 7.31 14.01 6.49
N MET A 127 7.87 13.22 5.57
CA MET A 127 7.63 11.78 5.57
C MET A 127 8.40 11.06 6.68
N GLN A 128 9.46 11.69 7.18
CA GLN A 128 10.24 11.12 8.28
C GLN A 128 9.58 11.31 9.62
N CYS A 129 8.61 12.23 9.68
CA CYS A 129 7.81 12.42 10.87
C CYS A 129 7.01 11.16 11.06
N ASP A 130 6.60 10.90 12.29
CA ASP A 130 5.93 9.65 12.61
C ASP A 130 4.44 9.69 12.28
N LEU A 131 3.86 10.88 12.41
CA LEU A 131 2.47 11.21 12.16
C LEU A 131 2.44 12.58 11.52
N ARG A 132 1.34 12.92 10.86
CA ARG A 132 1.20 14.19 10.17
C ARG A 132 -0.18 14.83 10.36
N VAL A 133 -0.16 16.11 10.71
CA VAL A 133 -1.34 16.93 10.77
C VAL A 133 -1.08 18.03 9.77
N VAL A 134 -1.95 18.15 8.79
CA VAL A 134 -1.70 18.96 7.63
C VAL A 134 -2.72 20.14 7.47
N ALA A 135 -2.22 21.33 7.17
CA ALA A 135 -3.05 22.48 6.97
C ALA A 135 -3.74 22.34 5.64
N PRO A 136 -4.95 22.87 5.55
CA PRO A 136 -5.78 22.67 4.39
C PRO A 136 -5.18 23.16 3.07
N ASP A 137 -4.30 24.16 3.10
CA ASP A 137 -3.69 24.66 1.86
C ASP A 137 -2.30 24.11 1.61
N ALA A 138 -1.85 23.20 2.47
CA ALA A 138 -0.58 22.52 2.23
C ALA A 138 -0.69 21.59 1.03
N PHE A 139 0.45 21.25 0.44
CA PHE A 139 0.50 20.23 -0.60
C PHE A 139 1.87 19.59 -0.52
N PHE A 140 2.02 18.40 -1.14
CA PHE A 140 3.24 17.62 -1.11
C PHE A 140 3.66 17.41 -2.56
N GLN A 141 4.94 17.58 -2.86
CA GLN A 141 5.40 17.44 -4.21
C GLN A 141 6.86 17.01 -4.27
N PHE A 142 7.16 16.11 -5.22
CA PHE A 142 8.56 15.86 -5.62
C PHE A 142 8.72 16.33 -7.07
N PRO A 143 9.11 17.62 -7.29
CA PRO A 143 9.20 18.17 -8.65
C PRO A 143 10.50 17.79 -9.39
N THR A 144 11.06 16.63 -9.10
CA THR A 144 12.30 16.20 -9.69
C THR A 144 12.28 16.20 -11.23
N SER A 145 11.14 15.79 -11.80
CA SER A 145 10.97 15.77 -13.23
C SER A 145 10.93 17.17 -13.86
N LYS A 146 10.67 18.23 -13.07
CA LYS A 146 10.84 19.60 -13.58
C LYS A 146 12.29 20.10 -13.46
N TYR A 147 13.11 19.43 -12.66
CA TYR A 147 14.47 19.91 -12.41
C TYR A 147 15.56 18.94 -12.85
N GLY A 148 15.17 17.77 -13.37
CA GLY A 148 16.11 16.76 -13.85
C GLY A 148 16.83 16.02 -12.75
N LEU A 149 16.27 16.06 -11.54
CA LEU A 149 16.93 15.38 -10.40
C LEU A 149 16.43 13.96 -10.17
N ALA A 150 17.02 13.28 -9.22
CA ALA A 150 16.63 11.92 -8.88
C ALA A 150 16.57 11.88 -7.37
N LEU A 151 15.69 11.05 -6.81
CA LEU A 151 15.62 10.81 -5.35
C LEU A 151 16.36 9.56 -4.88
N ASP A 152 16.65 9.53 -3.59
CA ASP A 152 17.11 8.31 -2.91
C ASP A 152 15.94 7.30 -2.83
N ASN A 153 16.27 6.05 -2.62
CA ASN A 153 15.30 4.99 -2.65
C ASN A 153 14.30 5.13 -1.52
N TRP A 154 14.75 5.46 -0.30
CA TRP A 154 13.83 5.59 0.84
C TRP A 154 12.69 6.55 0.52
N SER A 155 13.02 7.66 -0.14
CA SER A 155 12.03 8.69 -0.39
C SER A 155 10.93 8.12 -1.26
N ILE A 156 11.33 7.30 -2.22
CA ILE A 156 10.43 6.68 -3.18
C ILE A 156 9.59 5.61 -2.52
N ARG A 157 10.25 4.75 -1.71
CA ARG A 157 9.51 3.71 -0.96
C ARG A 157 8.50 4.20 0.08
N ARG A 158 8.93 5.16 0.90
CA ARG A 158 8.07 5.69 1.95
C ARG A 158 6.94 6.49 1.29
N LEU A 159 7.25 7.25 0.21
CA LEU A 159 6.15 7.89 -0.54
C LEU A 159 5.11 6.83 -1.03
N SER A 160 5.60 5.78 -1.66
CA SER A 160 4.70 4.71 -2.19
C SER A 160 3.81 4.17 -1.05
N SER A 161 4.42 4.00 0.12
CA SER A 161 3.71 3.55 1.32
C SER A 161 2.67 4.52 1.82
N LEU A 162 2.88 5.84 1.62
CA LEU A 162 2.02 6.89 2.20
C LEU A 162 0.92 7.43 1.24
N VAL A 163 1.16 7.40 -0.07
CA VAL A 163 0.15 7.73 -1.05
C VAL A 163 -0.32 6.55 -1.91
N GLY A 164 0.34 5.41 -1.81
CA GLY A 164 0.00 4.26 -2.67
C GLY A 164 0.86 4.31 -3.94
N HIS A 165 1.19 3.13 -4.47
CA HIS A 165 2.06 3.08 -5.62
C HIS A 165 1.60 3.98 -6.75
N GLY A 166 0.32 3.94 -7.07
CA GLY A 166 -0.20 4.58 -8.28
C GLY A 166 -0.02 6.08 -8.26
N ARG A 167 -0.40 6.71 -7.15
CA ARG A 167 -0.14 8.14 -6.95
C ARG A 167 1.38 8.45 -6.87
N ALA A 168 2.18 7.51 -6.35
CA ALA A 168 3.63 7.71 -6.29
C ALA A 168 4.17 7.83 -7.71
N ARG A 169 3.71 6.94 -8.62
CA ARG A 169 4.13 7.00 -10.02
C ARG A 169 3.84 8.39 -10.65
N ALA A 170 2.63 8.93 -10.44
CA ALA A 170 2.26 10.29 -10.92
C ALA A 170 3.08 11.42 -10.29
N MET A 171 3.25 11.36 -8.97
CA MET A 171 4.05 12.38 -8.30
C MET A 171 5.50 12.35 -8.79
N LEU A 172 6.04 11.15 -9.02
CA LEU A 172 7.43 11.00 -9.41
C LEU A 172 7.64 11.25 -10.93
N LEU A 173 6.74 10.77 -11.77
CA LEU A 173 6.98 10.80 -13.21
C LEU A 173 6.46 12.05 -13.83
N SER A 174 5.53 12.73 -13.16
CA SER A 174 4.89 13.91 -13.72
C SER A 174 4.90 15.13 -12.80
N ALA A 175 5.61 15.07 -11.67
CA ALA A 175 5.65 16.18 -10.70
C ALA A 175 4.25 16.54 -10.14
N GLU A 176 3.37 15.57 -10.07
CA GLU A 176 2.01 15.78 -9.54
C GLU A 176 2.05 16.26 -8.06
N LYS A 177 1.21 17.24 -7.75
CA LYS A 177 1.09 17.76 -6.39
C LYS A 177 0.01 16.96 -5.69
N LEU A 178 0.26 16.58 -4.44
CA LEU A 178 -0.73 15.91 -3.62
C LEU A 178 -1.30 16.94 -2.67
N THR A 179 -2.59 17.18 -2.75
CA THR A 179 -3.25 18.18 -1.94
C THR A 179 -3.51 17.61 -0.54
N ALA A 180 -3.87 18.49 0.39
CA ALA A 180 -4.16 18.09 1.76
C ALA A 180 -5.25 17.06 1.77
N GLU A 181 -6.34 17.38 1.04
CA GLU A 181 -7.48 16.45 0.95
C GLU A 181 -7.12 15.07 0.44
N ILE A 182 -6.36 14.97 -0.65
CA ILE A 182 -5.94 13.65 -1.13
C ILE A 182 -4.92 13.03 -0.14
N ALA A 183 -4.10 13.85 0.51
CA ALA A 183 -3.22 13.34 1.53
C ALA A 183 -3.99 12.63 2.63
N LEU A 184 -5.14 13.21 2.97
CA LEU A 184 -5.98 12.71 4.04
C LEU A 184 -6.55 11.40 3.58
N HIS A 185 -7.05 11.41 2.34
CA HIS A 185 -7.63 10.19 1.77
CA HIS A 185 -7.60 10.21 1.67
C HIS A 185 -6.60 9.06 1.69
N THR A 186 -5.34 9.35 1.37
CA THR A 186 -4.36 8.24 1.29
C THR A 186 -3.72 7.83 2.60
N GLY A 187 -3.80 8.68 3.62
CA GLY A 187 -3.03 8.46 4.84
C GLY A 187 -1.67 9.16 4.98
N MET A 188 -1.20 9.88 3.95
CA MET A 188 -0.06 10.79 4.13
C MET A 188 -0.36 11.76 5.28
N ALA A 189 -1.61 12.26 5.31
CA ALA A 189 -2.13 13.07 6.40
C ALA A 189 -2.99 12.22 7.30
N ASN A 190 -2.61 12.16 8.57
CA ASN A 190 -3.43 11.53 9.60
C ASN A 190 -4.62 12.41 9.95
N ARG A 191 -4.40 13.72 9.86
CA ARG A 191 -5.43 14.71 10.13
C ARG A 191 -5.17 15.94 9.29
N ILE A 192 -6.24 16.67 8.98
CA ILE A 192 -6.19 18.06 8.53
C ILE A 192 -6.37 18.93 9.78
N GLY A 193 -5.59 19.99 9.89
CA GLY A 193 -5.64 20.84 11.07
C GLY A 193 -4.40 21.70 11.15
N THR A 194 -4.26 22.33 12.32
CA THR A 194 -3.33 23.41 12.57
C THR A 194 -2.28 22.97 13.54
N LEU A 195 -1.31 23.84 13.83
CA LEU A 195 -0.30 23.54 14.84
C LEU A 195 -0.96 23.30 16.21
N ALA A 196 -1.97 24.07 16.57
CA ALA A 196 -2.67 23.81 17.83
C ALA A 196 -3.23 22.38 17.91
N ASP A 197 -3.75 21.89 16.78
CA ASP A 197 -4.35 20.55 16.71
C ASP A 197 -3.25 19.52 16.92
N ALA A 198 -2.12 19.70 16.25
CA ALA A 198 -0.99 18.78 16.38
C ALA A 198 -0.48 18.68 17.79
N GLN A 199 -0.43 19.83 18.47
CA GLN A 199 0.04 19.91 19.83
C GLN A 199 -0.95 19.27 20.78
N ALA A 200 -2.26 19.40 20.53
CA ALA A 200 -3.24 18.74 21.38
C ALA A 200 -3.13 17.22 21.24
N TRP A 201 -2.89 16.72 20.03
CA TRP A 201 -2.80 15.29 19.83
C TRP A 201 -1.48 14.72 20.39
N ALA A 202 -0.38 15.44 20.15
CA ALA A 202 0.90 15.11 20.80
C ALA A 202 0.83 15.02 22.35
N ALA A 203 0.03 15.87 23.00
CA ALA A 203 -0.10 15.82 24.48
C ALA A 203 -0.71 14.50 24.87
N GLU A 204 -1.84 14.16 24.22
CA GLU A 204 -2.43 12.82 24.40
C GLU A 204 -1.41 11.76 24.12
N ILE A 205 -0.70 11.85 23.00
CA ILE A 205 0.30 10.79 22.71
C ILE A 205 1.39 10.74 23.77
N ALA A 206 1.63 11.88 24.40
CA ALA A 206 2.65 12.03 25.43
C ALA A 206 2.30 11.19 26.66
N ARG A 207 1.02 10.89 26.82
CA ARG A 207 0.57 10.12 27.99
C ARG A 207 0.52 8.61 27.80
N LEU A 208 0.81 8.11 26.60
CA LEU A 208 0.82 6.65 26.32
C LEU A 208 2.19 6.00 26.66
N ALA A 209 2.28 4.68 26.49
CA ALA A 209 3.39 3.88 27.03
C ALA A 209 4.59 3.93 26.08
N PRO A 210 5.65 4.62 26.47
CA PRO A 210 6.79 4.83 25.53
C PRO A 210 7.33 3.59 24.83
N LEU A 211 7.50 2.50 25.56
CA LEU A 211 8.09 1.31 24.99
C LEU A 211 7.17 0.80 23.88
N ALA A 212 5.86 0.96 24.04
CA ALA A 212 4.90 0.55 23.01
C ALA A 212 5.04 1.40 21.73
N ILE A 213 5.14 2.71 21.90
CA ILE A 213 5.39 3.61 20.81
C ILE A 213 6.71 3.25 20.17
N GLN A 214 7.75 3.12 20.99
CA GLN A 214 9.09 2.88 20.48
C GLN A 214 9.18 1.57 19.69
N HIS A 215 8.54 0.51 20.17
CA HIS A 215 8.57 -0.74 19.44
C HIS A 215 7.85 -0.63 18.09
N ALA A 216 6.67 -0.06 18.08
CA ALA A 216 5.94 0.06 16.83
C ALA A 216 6.71 0.92 15.82
N LYS A 217 7.30 2.01 16.32
CA LYS A 217 8.02 2.94 15.47
C LYS A 217 9.17 2.24 14.73
N ARG A 218 9.98 1.46 15.48
CA ARG A 218 11.13 0.75 14.92
C ARG A 218 10.70 -0.26 13.87
N VAL A 219 9.66 -1.03 14.20
CA VAL A 219 9.17 -2.05 13.30
C VAL A 219 8.68 -1.38 12.04
N LEU A 220 7.95 -0.29 12.16
CA LEU A 220 7.34 0.37 11.00
C LEU A 220 8.40 0.94 10.10
N ASN A 221 9.45 1.51 10.70
CA ASN A 221 10.52 2.12 9.90
C ASN A 221 11.37 1.04 9.23
N ASP A 222 11.28 -0.18 9.73
CA ASP A 222 11.99 -1.30 9.16
C ASP A 222 11.06 -2.14 8.28
N ASP A 223 10.17 -1.44 7.57
CA ASP A 223 9.27 -2.07 6.65
C ASP A 223 9.97 -2.44 5.30
N GLY A 224 11.21 -1.99 5.12
CA GLY A 224 11.97 -2.17 3.88
C GLY A 224 12.17 -0.87 3.10
N ALA A 225 11.46 0.20 3.48
CA ALA A 225 11.71 1.52 2.89
C ALA A 225 13.18 1.93 2.94
N ILE A 226 13.90 1.53 3.99
CA ILE A 226 15.29 1.92 4.13
C ILE A 226 16.06 0.93 3.30
N GLU A 227 16.45 1.36 2.11
CA GLU A 227 16.97 0.45 1.10
C GLU A 227 18.13 1.11 0.35
N GLU A 228 19.20 0.36 0.19
CA GLU A 228 20.30 0.84 -0.61
C GLU A 228 19.93 0.76 -2.11
N ALA A 229 20.08 1.88 -2.80
CA ALA A 229 20.06 1.98 -4.26
C ALA A 229 20.69 0.78 -4.93
N TRP A 230 19.94 0.12 -5.80
CA TRP A 230 20.49 -0.94 -6.67
C TRP A 230 21.48 -0.39 -7.71
N PRO A 231 22.32 -1.25 -8.30
CA PRO A 231 23.30 -0.71 -9.27
C PRO A 231 22.73 0.19 -10.37
N ALA A 232 21.64 -0.19 -11.01
CA ALA A 232 21.00 0.67 -12.05
C ALA A 232 20.42 1.96 -11.49
N HIS A 233 20.00 1.94 -10.23
CA HIS A 233 19.41 3.12 -9.59
C HIS A 233 20.51 4.14 -9.37
N LYS A 234 21.63 3.68 -8.79
CA LYS A 234 22.79 4.54 -8.61
C LYS A 234 23.25 5.11 -9.93
N GLU A 235 23.39 4.28 -10.97
CA GLU A 235 23.91 4.80 -12.25
C GLU A 235 22.96 5.88 -12.81
N LEU A 236 21.66 5.60 -12.76
CA LEU A 236 20.71 6.63 -13.21
C LEU A 236 20.69 7.88 -12.32
N PHE A 237 20.87 7.67 -11.01
CA PHE A 237 20.89 8.73 -10.04
C PHE A 237 22.00 9.71 -10.35
N ASP A 238 23.20 9.17 -10.56
CA ASP A 238 24.37 9.97 -10.91
C ASP A 238 24.26 10.63 -12.28
N LYS A 239 23.69 9.93 -13.25
CA LYS A 239 23.49 10.51 -14.58
C LYS A 239 22.59 11.71 -14.49
N ALA A 240 21.51 11.60 -13.70
CA ALA A 240 20.57 12.71 -13.54
C ALA A 240 21.25 13.92 -12.89
N TRP A 241 21.88 13.71 -11.73
CA TRP A 241 22.50 14.81 -10.99
C TRP A 241 23.70 15.43 -11.72
N GLY A 242 24.43 14.63 -12.48
CA GLY A 242 25.52 15.15 -13.28
C GLY A 242 25.14 15.69 -14.66
N SER A 243 23.85 15.74 -14.97
CA SER A 243 23.38 16.01 -16.33
C SER A 243 23.34 17.47 -16.67
N GLN A 244 23.43 17.75 -17.95
CA GLN A 244 23.30 19.10 -18.46
C GLN A 244 21.86 19.64 -18.31
N ASP A 245 20.87 18.76 -18.43
CA ASP A 245 19.45 19.13 -18.17
C ASP A 245 19.22 19.83 -16.82
N VAL A 246 19.99 19.42 -15.81
CA VAL A 246 19.91 20.07 -14.49
C VAL A 246 20.21 21.57 -14.63
N ILE A 247 21.19 21.88 -15.47
CA ILE A 247 21.62 23.25 -15.66
C ILE A 247 20.54 23.92 -16.47
N GLU A 248 20.02 23.21 -17.47
CA GLU A 248 19.02 23.79 -18.36
C GLU A 248 17.75 24.15 -17.61
N ALA A 249 17.38 23.38 -16.59
CA ALA A 249 16.17 23.72 -15.85
C ALA A 249 16.32 25.08 -15.10
N GLN A 250 17.49 25.30 -14.50
CA GLN A 250 17.75 26.55 -13.79
C GLN A 250 17.84 27.75 -14.74
N VAL A 251 18.54 27.55 -15.86
CA VAL A 251 18.71 28.60 -16.87
C VAL A 251 17.39 28.98 -17.51
N ALA A 252 16.58 27.98 -17.84
CA ALA A 252 15.23 28.17 -18.31
C ALA A 252 14.43 29.01 -17.34
N ARG A 253 14.50 28.69 -16.04
CA ARG A 253 13.83 29.51 -15.04
C ARG A 253 14.30 30.98 -15.18
N MET A 254 15.63 31.16 -15.17
CA MET A 254 16.23 32.49 -15.20
C MET A 254 15.91 33.24 -16.49
N GLU A 255 15.79 32.51 -17.60
CA GLU A 255 15.48 33.19 -18.87
C GLU A 255 13.97 33.41 -19.08
N LYS A 256 13.15 33.06 -18.09
CA LYS A 256 11.69 33.17 -18.15
C LYS A 256 11.16 32.51 -19.42
N ARG A 257 11.59 31.27 -19.68
CA ARG A 257 11.18 30.49 -20.84
C ARG A 257 11.01 29.02 -20.51
N PRO A 258 10.37 28.26 -21.40
CA PRO A 258 10.30 26.80 -21.11
C PRO A 258 11.65 26.10 -21.34
N PRO A 259 11.99 25.11 -20.49
CA PRO A 259 13.17 24.30 -20.75
C PRO A 259 13.06 23.42 -22.01
N LYS A 260 14.21 23.14 -22.60
CA LYS A 260 14.36 22.25 -23.74
C LYS A 260 15.31 21.16 -23.30
N PHE A 261 14.77 20.08 -22.77
CA PHE A 261 15.59 19.03 -22.18
C PHE A 261 16.09 18.17 -23.30
N GLN A 262 17.21 17.54 -23.04
CA GLN A 262 17.87 16.71 -24.04
C GLN A 262 18.04 15.28 -23.56
N GLY A 263 17.78 15.03 -22.27
CA GLY A 263 17.92 13.71 -21.73
C GLY A 263 19.39 13.43 -21.59
N ALA A 264 20.18 14.49 -21.43
CA ALA A 264 21.61 14.40 -21.14
C ALA A 264 22.08 15.60 -20.29
N MET B 22 -3.43 -6.83 -35.09
CA MET B 22 -2.81 -5.62 -35.75
C MET B 22 -2.85 -4.41 -34.76
N ILE B 23 -2.01 -3.41 -35.01
CA ILE B 23 -1.93 -2.21 -34.18
C ILE B 23 -1.94 -0.94 -35.07
N GLY B 24 -2.41 0.17 -34.50
CA GLY B 24 -2.25 1.48 -35.09
C GLY B 24 -1.27 2.38 -34.31
N ILE B 25 -0.44 3.11 -35.06
CA ILE B 25 0.62 3.94 -34.49
C ILE B 25 0.51 5.31 -35.15
N THR B 26 0.43 6.36 -34.33
CA THR B 26 0.43 7.73 -34.82
C THR B 26 1.19 8.60 -33.81
N GLN B 27 1.68 9.76 -34.25
CA GLN B 27 2.52 10.60 -33.43
C GLN B 27 2.17 12.06 -33.64
N ALA B 28 2.11 12.79 -32.53
CA ALA B 28 1.85 14.24 -32.52
C ALA B 28 2.62 14.87 -31.36
N GLU B 29 3.09 16.08 -31.57
CA GLU B 29 4.04 16.65 -30.63
C GLU B 29 5.10 15.54 -30.49
N ALA B 30 5.40 15.17 -29.24
CA ALA B 30 6.41 14.16 -28.95
C ALA B 30 5.74 12.95 -28.26
N VAL B 31 4.48 12.69 -28.63
CA VAL B 31 3.65 11.61 -28.09
C VAL B 31 3.33 10.54 -29.12
N LEU B 32 3.76 9.31 -28.86
CA LEU B 32 3.46 8.19 -29.72
C LEU B 32 2.28 7.41 -29.13
N THR B 33 1.12 7.52 -29.76
CA THR B 33 -0.05 6.74 -29.40
C THR B 33 0.01 5.41 -30.14
N ILE B 34 -0.02 4.32 -29.39
CA ILE B 34 -0.14 2.98 -29.92
C ILE B 34 -1.53 2.40 -29.60
N GLU B 35 -2.22 1.90 -30.63
CA GLU B 35 -3.59 1.40 -30.49
C GLU B 35 -3.69 -0.06 -30.82
N LEU B 36 -4.18 -0.85 -29.87
CA LEU B 36 -4.51 -2.25 -30.12
C LEU B 36 -5.71 -2.23 -31.07
N GLN B 37 -5.65 -3.00 -32.15
CA GLN B 37 -6.72 -3.00 -33.16
C GLN B 37 -7.12 -4.40 -33.45
N ARG B 38 -7.64 -5.07 -32.43
CA ARG B 38 -8.33 -6.33 -32.62
C ARG B 38 -9.71 -6.26 -31.95
N PRO B 39 -10.53 -5.28 -32.36
CA PRO B 39 -11.79 -5.09 -31.64
C PRO B 39 -12.70 -6.31 -31.74
N GLU B 40 -12.57 -7.07 -32.84
CA GLU B 40 -13.40 -8.25 -33.07
C GLU B 40 -13.28 -9.27 -31.97
N ARG B 41 -12.16 -9.26 -31.24
CA ARG B 41 -12.01 -10.11 -30.05
C ARG B 41 -11.65 -9.28 -28.79
N ARG B 42 -12.04 -8.02 -28.80
CA ARG B 42 -11.79 -7.09 -27.72
C ARG B 42 -10.33 -6.90 -27.41
N ASN B 43 -9.50 -6.82 -28.46
CA ASN B 43 -8.07 -6.62 -28.31
C ASN B 43 -7.40 -7.72 -27.48
N ALA B 44 -8.10 -8.84 -27.31
CA ALA B 44 -7.50 -9.97 -26.63
C ALA B 44 -6.18 -10.31 -27.36
N LEU B 45 -5.17 -10.61 -26.55
CA LEU B 45 -3.83 -10.85 -27.06
C LEU B 45 -3.66 -12.20 -27.80
N ASN B 46 -2.81 -12.18 -28.83
CA ASN B 46 -2.25 -13.40 -29.40
C ASN B 46 -0.79 -13.14 -29.74
N SER B 47 -0.13 -14.11 -30.35
CA SER B 47 1.30 -14.00 -30.69
C SER B 47 1.62 -12.79 -31.53
N GLN B 48 0.76 -12.53 -32.50
CA GLN B 48 1.00 -11.46 -33.45
C GLN B 48 0.79 -10.09 -32.81
N LEU B 49 -0.33 -9.88 -32.14
CA LEU B 49 -0.57 -8.56 -31.54
C LEU B 49 0.57 -8.23 -30.54
N VAL B 50 0.99 -9.21 -29.77
CA VAL B 50 2.04 -9.02 -28.78
C VAL B 50 3.41 -8.73 -29.42
N GLU B 51 3.78 -9.43 -30.49
CA GLU B 51 5.05 -9.14 -31.16
C GLU B 51 5.03 -7.72 -31.69
N GLU B 52 3.90 -7.32 -32.23
CA GLU B 52 3.75 -5.99 -32.84
C GLU B 52 3.77 -4.85 -31.83
N LEU B 53 3.14 -5.07 -30.68
CA LEU B 53 3.18 -4.10 -29.60
C LEU B 53 4.62 -3.96 -29.15
N THR B 54 5.30 -5.08 -28.94
CA THR B 54 6.72 -5.07 -28.56
C THR B 54 7.60 -4.22 -29.49
N GLN B 55 7.44 -4.45 -30.80
CA GLN B 55 8.28 -3.72 -31.76
C GLN B 55 7.94 -2.25 -31.69
N ALA B 56 6.65 -1.90 -31.61
CA ALA B 56 6.28 -0.47 -31.55
C ALA B 56 6.81 0.19 -30.26
N ILE B 57 6.85 -0.55 -29.16
CA ILE B 57 7.39 -0.02 -27.89
C ILE B 57 8.90 0.23 -28.01
N ARG B 58 9.64 -0.78 -28.45
CA ARG B 58 11.10 -0.70 -28.64
C ARG B 58 11.52 0.41 -29.60
N LYS B 59 10.78 0.56 -30.69
CA LYS B 59 11.08 1.53 -31.72
C LYS B 59 10.72 2.97 -31.33
N ALA B 60 9.90 3.12 -30.29
CA ALA B 60 9.42 4.46 -29.88
C ALA B 60 10.55 5.38 -29.42
N SER B 64 13.05 10.95 -30.89
CA SER B 64 11.88 11.72 -31.31
C SER B 64 10.80 11.83 -30.18
N ALA B 65 10.08 10.74 -29.92
CA ALA B 65 8.99 10.79 -28.94
C ALA B 65 9.52 10.66 -27.50
N ARG B 66 8.78 11.22 -26.57
CA ARG B 66 9.18 11.15 -25.17
C ARG B 66 8.09 10.67 -24.22
N ALA B 67 6.93 10.33 -24.78
CA ALA B 67 5.84 9.74 -24.01
C ALA B 67 5.09 8.79 -24.94
N ILE B 68 4.56 7.72 -24.35
CA ILE B 68 3.71 6.80 -25.06
C ILE B 68 2.31 6.80 -24.41
N VAL B 69 1.32 6.71 -25.28
CA VAL B 69 -0.03 6.49 -24.89
C VAL B 69 -0.42 5.15 -25.49
N LEU B 70 -0.82 4.23 -24.62
CA LEU B 70 -1.27 2.91 -25.05
C LEU B 70 -2.79 2.84 -24.82
N THR B 71 -3.52 2.48 -25.88
CA THR B 71 -4.96 2.41 -25.81
C THR B 71 -5.54 1.31 -26.71
N GLY B 72 -6.82 0.99 -26.53
CA GLY B 72 -7.48 0.02 -27.39
C GLY B 72 -8.60 0.58 -28.24
N GLN B 73 -8.86 -0.11 -29.37
CA GLN B 73 -9.95 0.26 -30.32
C GLN B 73 -11.23 -0.46 -29.92
N GLY B 74 -12.37 0.17 -30.11
CA GLY B 74 -13.63 -0.39 -29.70
C GLY B 74 -13.95 -0.40 -28.19
N THR B 75 -14.80 -1.33 -27.78
CA THR B 75 -15.37 -1.30 -26.46
C THR B 75 -14.36 -1.66 -25.38
N ALA B 76 -13.30 -2.42 -25.72
CA ALA B 76 -12.39 -2.94 -24.69
C ALA B 76 -11.01 -2.34 -24.76
N PHE B 77 -10.34 -2.29 -23.62
CA PHE B 77 -8.93 -1.99 -23.63
C PHE B 77 -8.22 -3.23 -24.09
N CYS B 78 -8.41 -4.31 -23.35
CA CYS B 78 -7.90 -5.64 -23.72
C CYS B 78 -8.54 -6.66 -22.79
N ALA B 79 -9.47 -7.47 -23.31
CA ALA B 79 -10.26 -8.40 -22.51
C ALA B 79 -9.56 -9.69 -22.09
N GLY B 80 -8.35 -9.92 -22.52
CA GLY B 80 -7.68 -11.16 -22.12
C GLY B 80 -6.78 -11.66 -23.21
N ALA B 81 -6.57 -12.97 -23.26
CA ALA B 81 -5.72 -13.62 -24.23
C ALA B 81 -6.61 -14.54 -25.09
N ASP B 82 -6.40 -14.54 -26.40
CA ASP B 82 -7.13 -15.45 -27.29
C ASP B 82 -6.20 -16.00 -28.38
N LEU B 83 -5.80 -17.26 -28.22
CA LEU B 83 -4.88 -17.90 -29.13
C LEU B 83 -5.62 -18.78 -30.18
N SER B 84 -6.94 -18.68 -30.26
CA SER B 84 -7.72 -19.22 -31.42
C SER B 84 -7.15 -18.84 -32.79
N GLY B 85 -6.80 -19.86 -33.57
CA GLY B 85 -6.21 -19.63 -34.89
C GLY B 85 -4.86 -18.93 -34.90
N ASP B 86 -4.14 -19.01 -33.78
CA ASP B 86 -2.82 -18.39 -33.70
C ASP B 86 -1.79 -19.41 -34.22
N ALA B 87 -1.35 -19.22 -35.45
CA ALA B 87 -0.27 -20.04 -36.02
C ALA B 87 0.85 -20.28 -35.02
N PHE B 88 1.33 -19.20 -34.41
CA PHE B 88 2.49 -19.25 -33.53
C PHE B 88 2.08 -19.23 -32.05
N ALA B 89 0.90 -19.81 -31.75
CA ALA B 89 0.36 -19.96 -30.38
C ALA B 89 1.34 -20.38 -29.28
N ALA B 90 2.24 -21.29 -29.60
CA ALA B 90 3.16 -21.82 -28.59
C ALA B 90 4.33 -20.86 -28.32
N ASP B 91 4.61 -19.93 -29.23
CA ASP B 91 5.55 -18.85 -28.98
C ASP B 91 4.95 -17.73 -28.11
N TYR B 92 3.64 -17.76 -27.82
CA TYR B 92 2.95 -16.63 -27.17
C TYR B 92 3.57 -16.21 -25.82
N PRO B 93 3.77 -17.16 -24.88
CA PRO B 93 4.38 -16.86 -23.58
C PRO B 93 5.74 -16.17 -23.64
N ASP B 94 6.73 -16.77 -24.32
CA ASP B 94 8.02 -16.11 -24.52
C ASP B 94 7.84 -14.69 -25.11
N ARG B 95 6.83 -14.47 -25.94
CA ARG B 95 6.61 -13.16 -26.53
C ARG B 95 5.98 -12.18 -25.52
N LEU B 96 5.05 -12.69 -24.73
CA LEU B 96 4.41 -11.91 -23.69
C LEU B 96 5.45 -11.40 -22.68
N ILE B 97 6.34 -12.31 -22.27
CA ILE B 97 7.47 -11.95 -21.42
C ILE B 97 8.28 -10.86 -22.08
N GLU B 98 8.58 -11.01 -23.36
CA GLU B 98 9.35 -9.96 -24.03
C GLU B 98 8.59 -8.63 -24.08
N LEU B 99 7.27 -8.66 -24.26
CA LEU B 99 6.52 -7.40 -24.31
C LEU B 99 6.72 -6.64 -22.99
N HIS B 100 6.48 -7.35 -21.90
CA HIS B 100 6.63 -6.81 -20.56
C HIS B 100 8.04 -6.34 -20.24
N LYS B 101 9.05 -7.11 -20.65
CA LYS B 101 10.47 -6.72 -20.53
C LYS B 101 10.70 -5.40 -21.25
N ALA B 102 10.09 -5.25 -22.42
CA ALA B 102 10.21 -4.02 -23.23
C ALA B 102 9.54 -2.77 -22.63
N MET B 103 8.41 -2.96 -21.95
CA MET B 103 7.74 -1.78 -21.36
C MET B 103 8.49 -1.41 -20.10
N ASP B 104 8.84 -2.43 -19.34
CA ASP B 104 9.65 -2.25 -18.13
C ASP B 104 10.99 -1.55 -18.39
N ALA B 105 11.60 -1.84 -19.54
CA ALA B 105 12.93 -1.30 -19.89
C ALA B 105 12.88 -0.03 -20.71
N SER B 106 11.71 0.38 -21.15
CA SER B 106 11.63 1.56 -21.97
C SER B 106 11.84 2.83 -21.15
N PRO B 107 12.69 3.74 -21.63
CA PRO B 107 12.99 5.00 -20.91
C PRO B 107 11.83 5.96 -20.99
N MET B 108 10.85 5.59 -21.80
CA MET B 108 9.66 6.38 -21.92
C MET B 108 8.57 5.96 -20.94
N PRO B 109 7.89 6.96 -20.38
CA PRO B 109 6.69 6.73 -19.62
C PRO B 109 5.56 6.37 -20.59
N VAL B 110 4.88 5.27 -20.31
CA VAL B 110 3.70 4.86 -21.05
C VAL B 110 2.42 5.21 -20.29
N VAL B 111 1.57 6.04 -20.89
CA VAL B 111 0.30 6.34 -20.29
C VAL B 111 -0.73 5.36 -20.84
N GLY B 112 -1.33 4.57 -19.96
CA GLY B 112 -2.38 3.65 -20.36
C GLY B 112 -3.66 4.45 -20.49
N ALA B 113 -4.18 4.59 -21.70
CA ALA B 113 -5.53 5.18 -21.82
C ALA B 113 -6.52 4.01 -21.85
N ILE B 114 -7.09 3.68 -20.71
CA ILE B 114 -7.83 2.45 -20.51
C ILE B 114 -9.28 2.78 -20.92
N ASN B 115 -9.54 2.54 -22.22
CA ASN B 115 -10.77 2.99 -22.86
C ASN B 115 -11.98 2.10 -22.58
N GLY B 116 -11.75 0.98 -21.92
CA GLY B 116 -12.83 0.06 -21.60
C GLY B 116 -12.18 -1.06 -20.81
N PRO B 117 -12.88 -2.18 -20.64
CA PRO B 117 -12.46 -3.23 -19.75
C PRO B 117 -11.02 -3.67 -20.01
N ALA B 118 -10.29 -3.88 -18.91
CA ALA B 118 -8.98 -4.49 -18.92
C ALA B 118 -9.07 -5.74 -18.03
N ILE B 119 -8.91 -6.90 -18.65
CA ILE B 119 -9.27 -8.17 -18.06
C ILE B 119 -8.21 -9.18 -18.34
N GLY B 120 -7.82 -9.95 -17.32
CA GLY B 120 -6.82 -11.00 -17.49
C GLY B 120 -5.49 -10.42 -17.95
N ALA B 121 -4.99 -10.89 -19.08
CA ALA B 121 -3.70 -10.42 -19.59
C ALA B 121 -3.81 -8.97 -19.92
N GLY B 122 -5.05 -8.53 -20.20
CA GLY B 122 -5.36 -7.12 -20.33
C GLY B 122 -5.10 -6.27 -19.08
N LEU B 123 -5.41 -6.82 -17.90
CA LEU B 123 -5.18 -6.08 -16.64
C LEU B 123 -3.68 -6.06 -16.37
N GLN B 124 -3.07 -7.19 -16.64
CA GLN B 124 -1.62 -7.31 -16.60
C GLN B 124 -0.95 -6.24 -17.49
N LEU B 125 -1.47 -6.07 -18.69
CA LEU B 125 -0.89 -5.05 -19.56
C LEU B 125 -1.18 -3.62 -19.05
N ALA B 126 -2.40 -3.37 -18.60
CA ALA B 126 -2.73 -2.05 -18.09
C ALA B 126 -1.78 -1.69 -16.92
N MET B 127 -1.39 -2.70 -16.16
CA MET B 127 -0.65 -2.44 -14.94
C MET B 127 0.79 -2.15 -15.25
N GLN B 128 1.29 -2.67 -16.39
CA GLN B 128 2.65 -2.47 -16.80
C GLN B 128 2.80 -1.07 -17.40
N CYS B 129 1.68 -0.40 -17.67
CA CYS B 129 1.73 1.00 -18.02
C CYS B 129 2.25 1.75 -16.81
N ASP B 130 2.86 2.91 -17.07
CA ASP B 130 3.47 3.74 -16.06
C ASP B 130 2.42 4.60 -15.33
N LEU B 131 1.41 5.05 -16.06
CA LEU B 131 0.31 5.83 -15.53
C LEU B 131 -0.95 5.36 -16.23
N ARG B 132 -2.13 5.67 -15.67
CA ARG B 132 -3.39 5.18 -16.24
C ARG B 132 -4.43 6.25 -16.21
N VAL B 133 -5.07 6.48 -17.35
CA VAL B 133 -6.16 7.42 -17.48
C VAL B 133 -7.32 6.56 -17.95
N VAL B 134 -8.42 6.55 -17.22
CA VAL B 134 -9.42 5.47 -17.35
C VAL B 134 -10.78 6.05 -17.72
N ALA B 135 -11.45 5.43 -18.68
CA ALA B 135 -12.78 5.87 -19.10
C ALA B 135 -13.82 5.53 -18.05
N PRO B 136 -14.84 6.37 -17.91
CA PRO B 136 -15.85 6.13 -16.88
C PRO B 136 -16.44 4.71 -16.90
N ASP B 137 -16.50 4.08 -18.06
CA ASP B 137 -17.14 2.80 -18.17
C ASP B 137 -16.21 1.58 -18.15
N ALA B 138 -14.90 1.81 -18.13
CA ALA B 138 -13.92 0.74 -17.99
C ALA B 138 -13.94 0.12 -16.59
N PHE B 139 -13.51 -1.13 -16.50
CA PHE B 139 -13.30 -1.78 -15.23
C PHE B 139 -12.13 -2.71 -15.41
N PHE B 140 -11.55 -3.15 -14.30
CA PHE B 140 -10.35 -4.00 -14.27
C PHE B 140 -10.75 -5.27 -13.53
N GLN B 141 -10.24 -6.43 -13.95
CA GLN B 141 -10.64 -7.66 -13.30
C GLN B 141 -9.67 -8.76 -13.62
N PHE B 142 -9.39 -9.60 -12.62
CA PHE B 142 -8.75 -10.90 -12.81
C PHE B 142 -9.78 -12.00 -12.47
N PRO B 143 -10.49 -12.50 -13.49
CA PRO B 143 -11.49 -13.56 -13.28
C PRO B 143 -10.89 -14.96 -13.15
N THR B 144 -9.65 -15.06 -12.66
CA THR B 144 -9.01 -16.35 -12.50
C THR B 144 -9.89 -17.34 -11.72
N SER B 145 -10.64 -16.87 -10.75
CA SER B 145 -11.40 -17.82 -9.90
C SER B 145 -12.67 -18.31 -10.60
N LYS B 146 -13.10 -17.61 -11.65
CA LYS B 146 -14.18 -18.09 -12.54
C LYS B 146 -13.72 -19.06 -13.65
N TYR B 147 -12.42 -19.04 -13.98
CA TYR B 147 -11.85 -19.92 -15.02
C TYR B 147 -10.89 -20.98 -14.51
N GLY B 148 -10.68 -21.03 -13.20
CA GLY B 148 -9.73 -21.96 -12.56
C GLY B 148 -8.25 -21.74 -12.78
N LEU B 149 -7.84 -20.49 -13.01
CA LEU B 149 -6.46 -20.21 -13.42
C LEU B 149 -5.70 -19.61 -12.28
N ALA B 150 -4.39 -19.46 -12.49
CA ALA B 150 -3.43 -18.90 -11.51
C ALA B 150 -2.56 -17.82 -12.17
N LEU B 151 -2.26 -16.76 -11.43
CA LEU B 151 -1.43 -15.69 -11.96
C LEU B 151 0.01 -15.83 -11.58
N ASP B 152 0.84 -15.20 -12.40
CA ASP B 152 2.22 -14.93 -12.04
C ASP B 152 2.28 -14.00 -10.78
N ASN B 153 3.38 -14.07 -10.04
CA ASN B 153 3.53 -13.28 -8.82
C ASN B 153 3.51 -11.75 -9.07
N TRP B 154 4.10 -11.31 -10.18
CA TRP B 154 4.14 -9.88 -10.44
C TRP B 154 2.76 -9.30 -10.52
N SER B 155 1.88 -9.96 -11.25
CA SER B 155 0.51 -9.52 -11.39
C SER B 155 -0.17 -9.34 -10.04
N ILE B 156 0.11 -10.22 -9.10
CA ILE B 156 -0.52 -10.19 -7.79
C ILE B 156 0.08 -9.05 -7.00
N ARG B 157 1.43 -8.95 -7.05
CA ARG B 157 2.13 -7.89 -6.31
C ARG B 157 1.77 -6.50 -6.82
N ARG B 158 1.84 -6.28 -8.13
CA ARG B 158 1.58 -4.92 -8.65
C ARG B 158 0.13 -4.61 -8.41
N LEU B 159 -0.77 -5.59 -8.64
CA LEU B 159 -2.19 -5.40 -8.27
C LEU B 159 -2.34 -4.87 -6.83
N SER B 160 -1.68 -5.52 -5.86
CA SER B 160 -1.80 -5.16 -4.44
C SER B 160 -1.29 -3.73 -4.23
N SER B 161 -0.21 -3.40 -4.93
CA SER B 161 0.38 -2.07 -4.82
C SER B 161 -0.58 -0.98 -5.33
N LEU B 162 -1.43 -1.33 -6.28
CA LEU B 162 -2.24 -0.33 -6.96
C LEU B 162 -3.64 -0.21 -6.39
N VAL B 163 -4.21 -1.31 -5.90
CA VAL B 163 -5.53 -1.22 -5.25
C VAL B 163 -5.55 -1.45 -3.74
N GLY B 164 -4.40 -1.75 -3.16
CA GLY B 164 -4.33 -2.18 -1.78
C GLY B 164 -4.60 -3.66 -1.58
N HIS B 165 -3.88 -4.28 -0.66
CA HIS B 165 -3.99 -5.70 -0.36
C HIS B 165 -5.45 -6.14 -0.18
N GLY B 166 -6.20 -5.42 0.64
CA GLY B 166 -7.58 -5.81 0.90
C GLY B 166 -8.40 -6.03 -0.36
N ARG B 167 -8.35 -5.07 -1.26
CA ARG B 167 -9.12 -5.14 -2.53
C ARG B 167 -8.52 -6.15 -3.50
N ALA B 168 -7.22 -6.33 -3.43
CA ALA B 168 -6.56 -7.39 -4.17
C ALA B 168 -7.13 -8.75 -3.77
N ARG B 169 -7.20 -9.02 -2.47
CA ARG B 169 -7.76 -10.28 -1.95
C ARG B 169 -9.13 -10.53 -2.58
N ALA B 170 -9.96 -9.47 -2.65
CA ALA B 170 -11.30 -9.60 -3.22
C ALA B 170 -11.28 -9.83 -4.74
N MET B 171 -10.40 -9.10 -5.42
CA MET B 171 -10.29 -9.20 -6.86
C MET B 171 -9.77 -10.58 -7.24
N LEU B 172 -8.82 -11.12 -6.49
CA LEU B 172 -8.23 -12.43 -6.80
C LEU B 172 -9.04 -13.63 -6.29
N LEU B 173 -9.58 -13.55 -5.08
CA LEU B 173 -10.30 -14.68 -4.52
C LEU B 173 -11.77 -14.76 -4.94
N SER B 174 -12.33 -13.65 -5.40
CA SER B 174 -13.77 -13.63 -5.75
C SER B 174 -14.07 -13.02 -7.14
N ALA B 175 -13.05 -12.72 -7.94
CA ALA B 175 -13.21 -12.13 -9.29
C ALA B 175 -13.85 -10.75 -9.28
N GLU B 176 -13.70 -10.02 -8.16
CA GLU B 176 -14.40 -8.74 -8.07
C GLU B 176 -13.85 -7.76 -9.14
N LYS B 177 -14.78 -7.04 -9.78
CA LYS B 177 -14.44 -6.00 -10.74
C LYS B 177 -14.16 -4.71 -10.03
N LEU B 178 -13.13 -4.03 -10.47
CA LEU B 178 -12.73 -2.73 -9.96
C LEU B 178 -13.24 -1.72 -10.93
N THR B 179 -14.17 -0.88 -10.49
CA THR B 179 -14.80 0.12 -11.37
C THR B 179 -13.82 1.28 -11.54
N ALA B 180 -14.19 2.19 -12.42
CA ALA B 180 -13.34 3.31 -12.75
C ALA B 180 -13.21 4.20 -11.54
N GLU B 181 -14.34 4.43 -10.87
CA GLU B 181 -14.40 5.30 -9.69
C GLU B 181 -13.54 4.75 -8.54
N ILE B 182 -13.63 3.46 -8.28
CA ILE B 182 -12.80 2.86 -7.23
C ILE B 182 -11.32 2.77 -7.64
N ALA B 183 -11.05 2.62 -8.92
CA ALA B 183 -9.66 2.69 -9.40
C ALA B 183 -9.09 4.09 -9.15
N LEU B 184 -9.90 5.12 -9.30
CA LEU B 184 -9.40 6.46 -9.03
C LEU B 184 -9.11 6.62 -7.53
N HIS B 185 -10.03 6.15 -6.69
CA HIS B 185 -9.89 6.16 -5.23
C HIS B 185 -8.55 5.55 -4.77
N THR B 186 -8.17 4.40 -5.35
CA THR B 186 -7.02 3.62 -4.87
C THR B 186 -5.69 3.95 -5.56
N GLY B 187 -5.77 4.59 -6.74
CA GLY B 187 -4.57 4.94 -7.47
C GLY B 187 -4.26 4.07 -8.69
N MET B 188 -5.09 3.06 -8.94
CA MET B 188 -5.00 2.25 -10.19
C MET B 188 -5.23 3.14 -11.38
N ALA B 189 -6.20 4.04 -11.25
CA ALA B 189 -6.38 5.12 -12.20
C ALA B 189 -5.84 6.40 -11.56
N ASN B 190 -4.96 7.10 -12.28
CA ASN B 190 -4.44 8.39 -11.87
C ASN B 190 -5.46 9.43 -12.22
N ARG B 191 -6.22 9.18 -13.27
CA ARG B 191 -7.32 10.05 -13.63
C ARG B 191 -8.40 9.29 -14.30
N ILE B 192 -9.58 9.86 -14.24
CA ILE B 192 -10.70 9.43 -15.03
C ILE B 192 -10.79 10.36 -16.22
N GLY B 193 -10.86 9.78 -17.41
CA GLY B 193 -10.85 10.59 -18.62
C GLY B 193 -10.77 9.81 -19.91
N THR B 194 -10.61 10.57 -20.99
CA THR B 194 -10.62 10.05 -22.35
C THR B 194 -9.20 9.90 -22.89
N LEU B 195 -9.10 9.23 -24.03
CA LEU B 195 -7.86 9.16 -24.85
C LEU B 195 -7.23 10.54 -25.03
N ALA B 196 -8.05 11.53 -25.39
CA ALA B 196 -7.61 12.90 -25.58
C ALA B 196 -7.04 13.50 -24.26
N ASP B 197 -7.67 13.22 -23.14
CA ASP B 197 -7.09 13.58 -21.84
C ASP B 197 -5.71 12.94 -21.64
N ALA B 198 -5.61 11.64 -21.91
CA ALA B 198 -4.36 10.92 -21.78
C ALA B 198 -3.29 11.52 -22.67
N GLN B 199 -3.66 11.87 -23.90
CA GLN B 199 -2.70 12.49 -24.86
C GLN B 199 -2.22 13.89 -24.42
N ALA B 200 -3.11 14.68 -23.84
CA ALA B 200 -2.71 16.01 -23.36
C ALA B 200 -1.75 15.87 -22.17
N TRP B 201 -2.03 14.94 -21.27
CA TRP B 201 -1.13 14.69 -20.16
C TRP B 201 0.20 14.17 -20.65
N ALA B 202 0.14 13.20 -21.57
CA ALA B 202 1.36 12.66 -22.09
C ALA B 202 2.22 13.79 -22.66
N ALA B 203 1.61 14.77 -23.35
CA ALA B 203 2.45 15.82 -23.99
C ALA B 203 3.09 16.74 -22.92
N GLU B 204 2.42 16.96 -21.78
CA GLU B 204 3.07 17.68 -20.68
C GLU B 204 4.27 16.89 -20.22
N ILE B 205 4.02 15.62 -19.90
CA ILE B 205 5.08 14.69 -19.46
C ILE B 205 6.25 14.66 -20.46
N ALA B 206 5.96 14.73 -21.75
CA ALA B 206 6.99 14.68 -22.81
C ALA B 206 7.95 15.88 -22.80
N ARG B 207 7.52 16.96 -22.12
CA ARG B 207 8.36 18.13 -21.86
C ARG B 207 9.18 18.11 -20.57
N LEU B 208 9.05 17.05 -19.76
CA LEU B 208 9.74 16.98 -18.49
C LEU B 208 11.11 16.34 -18.69
N ALA B 209 11.92 16.32 -17.64
CA ALA B 209 13.30 15.90 -17.75
C ALA B 209 13.44 14.36 -17.82
N PRO B 210 13.88 13.83 -18.98
CA PRO B 210 13.81 12.39 -19.18
C PRO B 210 14.60 11.54 -18.16
N LEU B 211 15.77 12.03 -17.73
CA LEU B 211 16.59 11.22 -16.84
C LEU B 211 15.94 11.15 -15.47
N ALA B 212 15.11 12.14 -15.14
CA ALA B 212 14.33 12.10 -13.91
C ALA B 212 13.25 11.02 -14.02
N ILE B 213 12.55 11.00 -15.16
CA ILE B 213 11.50 9.98 -15.39
C ILE B 213 12.10 8.58 -15.37
N GLN B 214 13.19 8.43 -16.08
CA GLN B 214 13.85 7.13 -16.22
C GLN B 214 14.28 6.59 -14.90
N HIS B 215 14.90 7.45 -14.11
CA HIS B 215 15.34 7.04 -12.80
C HIS B 215 14.18 6.56 -11.94
N ALA B 216 13.12 7.37 -11.87
CA ALA B 216 12.02 7.08 -10.97
C ALA B 216 11.26 5.85 -11.48
N LYS B 217 11.12 5.73 -12.81
CA LYS B 217 10.54 4.50 -13.41
C LYS B 217 11.24 3.24 -12.99
N ARG B 218 12.56 3.23 -13.08
CA ARG B 218 13.33 2.03 -12.73
C ARG B 218 13.19 1.68 -11.26
N VAL B 219 13.29 2.68 -10.38
CA VAL B 219 13.18 2.39 -8.94
C VAL B 219 11.81 1.88 -8.58
N LEU B 220 10.77 2.53 -9.05
CA LEU B 220 9.42 2.08 -8.84
C LEU B 220 9.19 0.64 -9.32
N ASN B 221 9.63 0.34 -10.54
CA ASN B 221 9.42 -1.01 -11.08
C ASN B 221 10.21 -2.03 -10.28
N ASP B 222 11.21 -1.55 -9.55
CA ASP B 222 12.05 -2.39 -8.74
C ASP B 222 11.62 -2.33 -7.27
N ASP B 223 10.34 -2.08 -7.02
CA ASP B 223 9.78 -2.15 -5.65
C ASP B 223 9.71 -3.57 -5.04
N GLY B 224 10.01 -4.61 -5.81
CA GLY B 224 9.87 -5.99 -5.30
C GLY B 224 8.75 -6.81 -5.98
N ALA B 225 7.88 -6.16 -6.75
CA ALA B 225 6.84 -6.85 -7.56
C ALA B 225 7.40 -7.85 -8.57
N ILE B 226 8.57 -7.56 -9.12
CA ILE B 226 9.19 -8.51 -10.01
C ILE B 226 9.79 -9.55 -9.13
N GLU B 227 9.04 -10.61 -8.90
CA GLU B 227 9.36 -11.60 -7.88
C GLU B 227 9.23 -12.98 -8.48
N GLU B 228 10.25 -13.80 -8.27
CA GLU B 228 10.16 -15.21 -8.63
C GLU B 228 9.14 -15.96 -7.75
N ALA B 229 8.28 -16.75 -8.36
CA ALA B 229 7.31 -17.49 -7.58
C ALA B 229 8.03 -18.43 -6.63
N TRP B 230 7.47 -18.60 -5.45
CA TRP B 230 8.02 -19.51 -4.44
C TRP B 230 7.64 -20.92 -4.86
N PRO B 231 8.39 -21.94 -4.38
CA PRO B 231 8.15 -23.32 -4.84
C PRO B 231 6.72 -23.77 -4.61
N ALA B 232 6.12 -23.37 -3.49
CA ALA B 232 4.71 -23.70 -3.28
C ALA B 232 3.83 -22.96 -4.24
N HIS B 233 4.19 -21.74 -4.62
CA HIS B 233 3.40 -20.98 -5.57
C HIS B 233 3.39 -21.63 -6.98
N LYS B 234 4.59 -22.05 -7.41
CA LYS B 234 4.75 -22.77 -8.66
C LYS B 234 3.90 -24.03 -8.65
N GLU B 235 3.97 -24.76 -7.53
CA GLU B 235 3.26 -26.02 -7.42
C GLU B 235 1.76 -25.79 -7.54
N LEU B 236 1.22 -24.77 -6.87
CA LEU B 236 -0.23 -24.48 -6.97
C LEU B 236 -0.58 -23.92 -8.36
N PHE B 237 0.37 -23.19 -8.97
CA PHE B 237 0.18 -22.63 -10.29
C PHE B 237 -0.02 -23.79 -11.29
N ASP B 238 0.91 -24.75 -11.31
CA ASP B 238 0.83 -25.92 -12.21
C ASP B 238 -0.44 -26.73 -11.99
N LYS B 239 -0.79 -26.92 -10.73
CA LYS B 239 -1.94 -27.74 -10.33
C LYS B 239 -3.25 -27.14 -10.89
N ALA B 240 -3.40 -25.81 -10.81
CA ALA B 240 -4.58 -25.16 -11.31
C ALA B 240 -4.66 -25.20 -12.84
N TRP B 241 -3.55 -24.87 -13.50
CA TRP B 241 -3.49 -24.87 -14.95
C TRP B 241 -3.66 -26.27 -15.57
N GLY B 242 -3.21 -27.31 -14.86
CA GLY B 242 -3.28 -28.71 -15.34
C GLY B 242 -4.58 -29.39 -14.93
N SER B 243 -5.51 -28.64 -14.31
CA SER B 243 -6.74 -29.19 -13.71
C SER B 243 -7.88 -29.45 -14.70
N GLN B 244 -8.73 -30.39 -14.36
CA GLN B 244 -9.97 -30.59 -15.10
C GLN B 244 -10.89 -29.36 -14.99
N ASP B 245 -10.81 -28.68 -13.84
CA ASP B 245 -11.66 -27.51 -13.55
C ASP B 245 -11.48 -26.47 -14.62
N VAL B 246 -10.25 -26.29 -15.04
CA VAL B 246 -9.95 -25.43 -16.18
C VAL B 246 -10.73 -25.84 -17.44
N ILE B 247 -10.79 -27.15 -17.71
CA ILE B 247 -11.56 -27.64 -18.88
C ILE B 247 -13.05 -27.39 -18.63
N GLU B 248 -13.48 -27.73 -17.42
CA GLU B 248 -14.88 -27.51 -17.02
C GLU B 248 -15.32 -26.06 -17.21
N ALA B 249 -14.46 -25.09 -16.93
CA ALA B 249 -14.90 -23.69 -17.04
C ALA B 249 -15.10 -23.37 -18.52
N GLN B 250 -14.20 -23.84 -19.37
CA GLN B 250 -14.37 -23.68 -20.81
C GLN B 250 -15.57 -24.47 -21.36
N VAL B 251 -15.73 -25.75 -21.02
CA VAL B 251 -16.91 -26.51 -21.50
C VAL B 251 -18.21 -25.83 -21.06
N ALA B 252 -18.26 -25.37 -19.80
CA ALA B 252 -19.47 -24.68 -19.28
C ALA B 252 -19.79 -23.33 -19.93
N ARG B 253 -18.77 -22.59 -20.36
CA ARG B 253 -19.03 -21.33 -21.06
C ARG B 253 -19.66 -21.65 -22.41
N MET B 254 -18.98 -22.51 -23.18
CA MET B 254 -19.47 -22.94 -24.49
C MET B 254 -20.91 -23.39 -24.33
N GLU B 255 -21.14 -24.31 -23.39
CA GLU B 255 -22.48 -24.83 -23.13
C GLU B 255 -23.46 -23.86 -22.45
N LYS B 256 -22.99 -22.68 -22.02
CA LYS B 256 -23.85 -21.58 -21.50
C LYS B 256 -24.54 -21.92 -20.17
N ARG B 257 -23.82 -22.57 -19.28
CA ARG B 257 -24.34 -23.01 -17.98
C ARG B 257 -23.28 -22.73 -16.92
N PRO B 258 -23.67 -22.66 -15.64
CA PRO B 258 -22.66 -22.49 -14.57
C PRO B 258 -21.76 -23.71 -14.44
N PRO B 259 -20.45 -23.51 -14.27
CA PRO B 259 -19.53 -24.62 -14.10
C PRO B 259 -19.75 -25.31 -12.77
N LYS B 260 -19.47 -26.60 -12.72
CA LYS B 260 -19.54 -27.38 -11.50
C LYS B 260 -18.09 -27.78 -11.19
N PHE B 261 -17.42 -27.06 -10.32
CA PHE B 261 -16.01 -27.31 -10.07
C PHE B 261 -15.84 -28.41 -9.05
N GLN B 262 -14.71 -29.10 -9.12
CA GLN B 262 -14.42 -30.21 -8.19
C GLN B 262 -13.16 -29.98 -7.37
N GLY B 263 -12.39 -28.95 -7.70
CA GLY B 263 -11.14 -28.68 -7.01
C GLY B 263 -10.09 -29.68 -7.43
N ALA B 264 -10.12 -30.04 -8.71
CA ALA B 264 -9.23 -31.02 -9.29
C ALA B 264 -9.18 -30.80 -10.81
N MET C 22 -16.39 -21.54 23.89
CA MET C 22 -17.42 -22.22 23.06
C MET C 22 -17.70 -21.53 21.71
N ILE C 23 -17.96 -22.34 20.70
CA ILE C 23 -18.30 -21.83 19.40
C ILE C 23 -19.53 -22.55 18.85
N GLY C 24 -20.20 -21.90 17.91
CA GLY C 24 -21.30 -22.50 17.17
C GLY C 24 -20.92 -22.72 15.71
N ILE C 25 -21.36 -23.85 15.16
CA ILE C 25 -21.03 -24.27 13.82
C ILE C 25 -22.31 -24.65 13.08
N THR C 26 -22.65 -23.89 12.05
CA THR C 26 -23.75 -24.25 11.15
C THR C 26 -23.18 -24.40 9.76
N GLN C 27 -23.91 -25.12 8.91
CA GLN C 27 -23.56 -25.24 7.52
C GLN C 27 -24.81 -25.11 6.69
N ALA C 28 -24.80 -24.16 5.76
CA ALA C 28 -25.87 -24.00 4.79
C ALA C 28 -25.28 -24.06 3.37
N GLU C 29 -25.60 -25.17 2.70
CA GLU C 29 -25.15 -25.44 1.34
C GLU C 29 -23.66 -25.68 1.47
N ALA C 30 -22.85 -24.89 0.77
CA ALA C 30 -21.41 -25.12 0.76
C ALA C 30 -20.68 -24.06 1.61
N VAL C 31 -21.39 -23.51 2.60
CA VAL C 31 -20.82 -22.49 3.46
C VAL C 31 -20.94 -22.87 4.94
N LEU C 32 -19.80 -23.14 5.57
CA LEU C 32 -19.68 -23.33 7.03
C LEU C 32 -19.55 -22.00 7.81
N THR C 33 -20.55 -21.65 8.61
CA THR C 33 -20.43 -20.52 9.52
C THR C 33 -19.92 -20.98 10.90
N ILE C 34 -18.85 -20.33 11.38
CA ILE C 34 -18.30 -20.50 12.73
C ILE C 34 -18.53 -19.22 13.53
N GLU C 35 -19.39 -19.32 14.56
CA GLU C 35 -19.70 -18.22 15.47
C GLU C 35 -18.95 -18.32 16.81
N LEU C 36 -18.15 -17.30 17.13
CA LEU C 36 -17.57 -17.16 18.48
C LEU C 36 -18.72 -16.98 19.49
N GLN C 37 -18.78 -17.77 20.55
CA GLN C 37 -19.97 -17.71 21.44
C GLN C 37 -19.62 -17.48 22.89
N ARG C 38 -18.92 -16.39 23.15
CA ARG C 38 -18.63 -15.92 24.50
C ARG C 38 -19.04 -14.46 24.60
N PRO C 39 -20.27 -14.14 24.20
CA PRO C 39 -20.70 -12.75 24.19
C PRO C 39 -20.59 -12.06 25.53
N GLU C 40 -20.75 -12.84 26.61
CA GLU C 40 -20.48 -12.36 27.98
C GLU C 40 -19.15 -11.62 28.15
N ARG C 41 -18.11 -12.09 27.44
CA ARG C 41 -16.78 -11.51 27.50
C ARG C 41 -16.42 -10.82 26.18
N ARG C 42 -17.44 -10.43 25.43
CA ARG C 42 -17.22 -9.86 24.11
C ARG C 42 -16.30 -10.75 23.24
N ASN C 43 -16.51 -12.05 23.31
CA ASN C 43 -15.80 -13.03 22.50
C ASN C 43 -14.28 -12.91 22.61
N ALA C 44 -13.82 -12.44 23.76
CA ALA C 44 -12.41 -12.34 24.03
C ALA C 44 -11.84 -13.74 23.92
N LEU C 45 -10.61 -13.86 23.42
CA LEU C 45 -9.97 -15.16 23.27
C LEU C 45 -9.44 -15.72 24.60
N ASN C 46 -9.73 -16.99 24.84
CA ASN C 46 -9.02 -17.75 25.87
C ASN C 46 -8.56 -19.02 25.21
N SER C 47 -7.87 -19.89 25.95
CA SER C 47 -7.31 -21.13 25.40
C SER C 47 -8.35 -22.10 24.84
N GLN C 48 -9.48 -22.22 25.52
CA GLN C 48 -10.54 -23.13 25.07
C GLN C 48 -11.13 -22.68 23.72
N LEU C 49 -11.55 -21.42 23.66
CA LEU C 49 -12.13 -20.83 22.45
C LEU C 49 -11.17 -21.02 21.30
N VAL C 50 -9.91 -20.67 21.54
CA VAL C 50 -8.92 -20.71 20.49
C VAL C 50 -8.75 -22.13 19.93
N GLU C 51 -8.67 -23.13 20.81
CA GLU C 51 -8.51 -24.51 20.33
C GLU C 51 -9.76 -25.04 19.66
N GLU C 52 -10.94 -24.61 20.07
CA GLU C 52 -12.14 -25.06 19.35
C GLU C 52 -12.16 -24.45 17.94
N LEU C 53 -11.76 -23.18 17.85
CA LEU C 53 -11.65 -22.47 16.56
C LEU C 53 -10.72 -23.17 15.57
N THR C 54 -9.50 -23.43 16.03
CA THR C 54 -8.50 -24.20 15.29
C THR C 54 -9.10 -25.50 14.76
N GLN C 55 -9.71 -26.29 15.65
CA GLN C 55 -10.32 -27.57 15.23
C GLN C 55 -11.44 -27.38 14.23
N ALA C 56 -12.24 -26.34 14.38
CA ALA C 56 -13.38 -26.11 13.45
C ALA C 56 -12.85 -25.73 12.08
N ILE C 57 -11.79 -24.92 12.07
CA ILE C 57 -11.16 -24.53 10.83
C ILE C 57 -10.51 -25.74 10.15
N ARG C 58 -9.71 -26.51 10.90
CA ARG C 58 -9.08 -27.72 10.36
C ARG C 58 -10.10 -28.74 9.77
N LYS C 59 -11.20 -29.03 10.48
CA LYS C 59 -12.16 -30.06 10.02
C LYS C 59 -13.20 -29.56 8.96
N ALA C 60 -13.03 -28.33 8.50
CA ALA C 60 -14.01 -27.66 7.61
C ALA C 60 -13.98 -28.18 6.17
N SER C 64 -16.65 -30.91 2.37
CA SER C 64 -18.02 -30.51 1.98
C SER C 64 -18.26 -28.98 1.75
N ALA C 65 -17.89 -28.14 2.71
CA ALA C 65 -18.04 -26.69 2.49
C ALA C 65 -16.90 -26.19 1.61
N ARG C 66 -17.11 -25.12 0.85
CA ARG C 66 -16.01 -24.51 0.05
C ARG C 66 -15.68 -23.08 0.46
N ALA C 67 -16.39 -22.58 1.46
CA ALA C 67 -16.16 -21.25 2.04
C ALA C 67 -16.54 -21.25 3.52
N ILE C 68 -15.80 -20.49 4.31
CA ILE C 68 -16.06 -20.32 5.77
C ILE C 68 -16.47 -18.86 6.11
N VAL C 69 -17.41 -18.73 7.03
CA VAL C 69 -17.78 -17.45 7.58
C VAL C 69 -17.43 -17.48 9.06
N LEU C 70 -16.64 -16.49 9.46
CA LEU C 70 -16.24 -16.41 10.84
C LEU C 70 -16.83 -15.12 11.39
N THR C 71 -17.53 -15.26 12.50
CA THR C 71 -18.28 -14.17 13.08
C THR C 71 -18.38 -14.30 14.60
N GLY C 72 -18.87 -13.25 15.25
CA GLY C 72 -19.10 -13.24 16.69
C GLY C 72 -20.57 -13.09 17.09
N GLN C 73 -20.96 -13.80 18.13
CA GLN C 73 -22.30 -13.64 18.71
C GLN C 73 -22.33 -12.37 19.49
N GLY C 74 -23.41 -11.59 19.35
CA GLY C 74 -23.62 -10.42 20.19
C GLY C 74 -23.02 -9.14 19.65
N THR C 75 -22.53 -8.29 20.54
CA THR C 75 -22.17 -6.94 20.10
C THR C 75 -20.74 -6.83 19.59
N ALA C 76 -19.90 -7.77 20.00
CA ALA C 76 -18.52 -7.77 19.57
C ALA C 76 -18.23 -8.86 18.55
N PHE C 77 -17.29 -8.55 17.65
CA PHE C 77 -16.62 -9.63 16.89
C PHE C 77 -15.68 -10.33 17.83
N CYS C 78 -14.70 -9.58 18.37
CA CYS C 78 -13.76 -10.11 19.36
C CYS C 78 -13.02 -8.97 20.03
N ALA C 79 -13.23 -8.83 21.35
CA ALA C 79 -12.69 -7.71 22.08
C ALA C 79 -11.23 -7.89 22.57
N GLY C 80 -10.60 -9.04 22.36
CA GLY C 80 -9.20 -9.18 22.76
C GLY C 80 -8.87 -10.55 23.31
N ALA C 81 -7.87 -10.62 24.18
CA ALA C 81 -7.56 -11.84 24.89
C ALA C 81 -8.09 -11.74 26.32
N ASP C 82 -8.41 -12.89 26.89
CA ASP C 82 -8.96 -12.99 28.24
C ASP C 82 -7.85 -13.42 29.19
N LEU C 83 -7.66 -14.74 29.33
CA LEU C 83 -6.75 -15.31 30.34
C LEU C 83 -7.20 -14.89 31.75
N SER C 84 -7.96 -15.77 32.40
CA SER C 84 -8.66 -15.49 33.67
C SER C 84 -9.60 -16.68 33.90
N ALA C 87 -7.72 -20.47 32.85
CA ALA C 87 -7.90 -21.82 32.27
C ALA C 87 -6.54 -22.55 32.06
N PHE C 88 -6.25 -23.00 30.83
CA PHE C 88 -4.92 -23.55 30.52
C PHE C 88 -4.06 -22.44 29.88
N ALA C 89 -3.70 -21.43 30.69
CA ALA C 89 -3.24 -20.12 30.17
C ALA C 89 -1.85 -20.11 29.50
N ALA C 90 -0.81 -20.58 30.19
CA ALA C 90 0.55 -20.62 29.61
C ALA C 90 0.65 -21.35 28.25
N ASP C 91 -0.32 -22.23 27.97
CA ASP C 91 -0.45 -22.91 26.68
C ASP C 91 -1.28 -22.08 25.64
N TYR C 92 -1.57 -20.81 25.93
CA TYR C 92 -2.38 -19.93 25.06
C TYR C 92 -1.62 -19.40 23.83
N PRO C 93 -0.43 -18.78 24.04
CA PRO C 93 0.38 -18.25 22.94
C PRO C 93 0.64 -19.26 21.80
N ASP C 94 0.97 -20.49 22.17
CA ASP C 94 1.15 -21.58 21.20
C ASP C 94 -0.19 -21.98 20.57
N ARG C 95 -1.27 -21.95 21.35
CA ARG C 95 -2.61 -22.21 20.80
C ARG C 95 -2.98 -21.13 19.76
N LEU C 96 -2.67 -19.89 20.05
CA LEU C 96 -2.98 -18.78 19.15
C LEU C 96 -2.12 -18.80 17.91
N ILE C 97 -0.87 -19.22 18.04
CA ILE C 97 -0.02 -19.41 16.88
C ILE C 97 -0.61 -20.47 15.91
N GLU C 98 -1.15 -21.56 16.47
CA GLU C 98 -1.68 -22.69 15.68
C GLU C 98 -3.01 -22.36 14.98
N LEU C 99 -3.86 -21.56 15.63
CA LEU C 99 -5.10 -21.08 14.99
C LEU C 99 -4.75 -20.24 13.77
N HIS C 100 -3.82 -19.32 13.95
CA HIS C 100 -3.36 -18.56 12.81
C HIS C 100 -2.74 -19.43 11.73
N LYS C 101 -1.93 -20.40 12.15
CA LYS C 101 -1.32 -21.39 11.22
C LYS C 101 -2.41 -22.15 10.44
N ALA C 102 -3.44 -22.59 11.15
CA ALA C 102 -4.55 -23.32 10.53
C ALA C 102 -5.36 -22.48 9.52
N MET C 103 -5.65 -21.23 9.85
CA MET C 103 -6.33 -20.35 8.88
C MET C 103 -5.43 -20.03 7.66
N ASP C 104 -4.16 -19.73 7.92
CA ASP C 104 -3.23 -19.40 6.85
C ASP C 104 -3.14 -20.59 5.91
N ALA C 105 -3.20 -21.81 6.47
CA ALA C 105 -2.97 -23.03 5.70
C ALA C 105 -4.26 -23.59 5.13
N SER C 106 -5.39 -23.03 5.52
CA SER C 106 -6.65 -23.55 5.04
C SER C 106 -6.84 -23.30 3.54
N PRO C 107 -7.24 -24.33 2.79
CA PRO C 107 -7.65 -24.13 1.42
C PRO C 107 -8.96 -23.35 1.27
N MET C 108 -9.69 -23.15 2.37
CA MET C 108 -10.95 -22.44 2.31
C MET C 108 -10.70 -20.92 2.40
N PRO C 109 -11.40 -20.13 1.59
CA PRO C 109 -11.47 -18.70 1.91
C PRO C 109 -12.32 -18.48 3.18
N VAL C 110 -11.82 -17.66 4.12
CA VAL C 110 -12.52 -17.31 5.34
C VAL C 110 -13.03 -15.88 5.22
N VAL C 111 -14.36 -15.75 5.17
CA VAL C 111 -15.00 -14.44 5.13
C VAL C 111 -15.28 -14.02 6.59
N GLY C 112 -14.60 -12.96 7.04
CA GLY C 112 -14.85 -12.43 8.38
C GLY C 112 -16.11 -11.58 8.39
N ALA C 113 -17.15 -12.01 9.08
CA ALA C 113 -18.32 -11.15 9.24
C ALA C 113 -18.10 -10.41 10.56
N ILE C 114 -17.48 -9.24 10.50
CA ILE C 114 -17.02 -8.53 11.68
C ILE C 114 -18.20 -7.74 12.19
N ASN C 115 -18.96 -8.38 13.08
CA ASN C 115 -20.25 -7.85 13.57
C ASN C 115 -20.17 -6.70 14.60
N GLY C 116 -19.00 -6.54 15.19
CA GLY C 116 -18.77 -5.49 16.14
C GLY C 116 -17.28 -5.34 16.26
N PRO C 117 -16.84 -4.68 17.35
CA PRO C 117 -15.42 -4.33 17.51
C PRO C 117 -14.46 -5.50 17.41
N ALA C 118 -13.28 -5.20 16.88
CA ALA C 118 -12.24 -6.17 16.75
C ALA C 118 -10.97 -5.48 17.26
N ILE C 119 -10.62 -5.84 18.49
CA ILE C 119 -9.61 -5.17 19.27
C ILE C 119 -8.52 -6.15 19.63
N GLY C 120 -7.27 -5.73 19.47
CA GLY C 120 -6.14 -6.58 19.91
C GLY C 120 -6.12 -7.91 19.16
N ALA C 121 -6.11 -9.01 19.90
CA ALA C 121 -6.07 -10.34 19.33
C ALA C 121 -7.25 -10.52 18.44
N GLY C 122 -8.34 -9.80 18.73
CA GLY C 122 -9.52 -9.81 17.87
C GLY C 122 -9.25 -9.14 16.53
N LEU C 123 -8.48 -8.07 16.54
CA LEU C 123 -8.03 -7.46 15.29
C LEU C 123 -7.06 -8.40 14.53
N GLN C 124 -6.16 -9.05 15.27
CA GLN C 124 -5.29 -10.04 14.65
C GLN C 124 -6.15 -11.07 13.93
N LEU C 125 -7.13 -11.60 14.65
CA LEU C 125 -8.04 -12.61 14.07
C LEU C 125 -8.83 -12.07 12.87
N ALA C 126 -9.34 -10.84 12.96
CA ALA C 126 -10.06 -10.25 11.81
C ALA C 126 -9.15 -10.24 10.57
N MET C 127 -7.88 -9.92 10.80
CA MET C 127 -6.91 -9.72 9.72
C MET C 127 -6.46 -11.03 9.06
N GLN C 128 -6.57 -12.14 9.79
CA GLN C 128 -6.22 -13.46 9.25
C GLN C 128 -7.36 -14.05 8.39
N CYS C 129 -8.54 -13.44 8.49
CA CYS C 129 -9.59 -13.77 7.54
C CYS C 129 -9.14 -13.38 6.14
N ASP C 130 -9.68 -14.06 5.14
CA ASP C 130 -9.30 -13.77 3.77
C ASP C 130 -10.02 -12.54 3.21
N LEU C 131 -11.25 -12.30 3.68
CA LEU C 131 -12.09 -11.20 3.24
C LEU C 131 -12.89 -10.75 4.46
N ARG C 132 -13.47 -9.55 4.44
CA ARG C 132 -14.18 -9.00 5.59
C ARG C 132 -15.39 -8.19 5.18
N VAL C 133 -16.55 -8.53 5.74
CA VAL C 133 -17.79 -7.80 5.58
C VAL C 133 -18.02 -7.25 6.99
N VAL C 134 -18.18 -5.95 7.13
CA VAL C 134 -18.06 -5.28 8.43
C VAL C 134 -19.33 -4.53 8.76
N ALA C 135 -19.81 -4.69 9.98
CA ALA C 135 -21.05 -4.04 10.40
C ALA C 135 -20.76 -2.53 10.48
N PRO C 136 -21.79 -1.68 10.27
CA PRO C 136 -21.64 -0.20 10.23
C PRO C 136 -21.05 0.42 11.48
N ASP C 137 -21.27 -0.17 12.65
CA ASP C 137 -20.78 0.39 13.92
C ASP C 137 -19.64 -0.41 14.56
N ALA C 138 -19.03 -1.32 13.79
CA ALA C 138 -17.81 -2.02 14.19
C ALA C 138 -16.67 -1.04 14.08
N PHE C 139 -15.60 -1.38 14.77
CA PHE C 139 -14.36 -0.62 14.64
C PHE C 139 -13.17 -1.53 14.93
N PHE C 140 -11.99 -1.12 14.46
CA PHE C 140 -10.78 -1.89 14.62
C PHE C 140 -9.75 -1.07 15.45
N GLN C 141 -8.98 -1.73 16.30
CA GLN C 141 -8.03 -1.09 17.21
C GLN C 141 -6.93 -2.01 17.75
N PHE C 142 -5.71 -1.50 17.76
CA PHE C 142 -4.62 -2.08 18.54
C PHE C 142 -4.27 -1.06 19.61
N PRO C 143 -4.91 -1.18 20.79
CA PRO C 143 -4.61 -0.27 21.90
C PRO C 143 -3.30 -0.59 22.68
N THR C 144 -2.32 -1.25 22.06
CA THR C 144 -1.10 -1.61 22.80
C THR C 144 -0.48 -0.43 23.53
N SER C 145 -0.55 0.75 22.93
CA SER C 145 0.13 1.91 23.51
C SER C 145 -0.52 2.40 24.80
N LYS C 146 -1.77 2.01 25.04
CA LYS C 146 -2.50 2.34 26.28
C LYS C 146 -2.16 1.36 27.38
N TYR C 147 -1.67 0.18 27.03
CA TYR C 147 -1.46 -0.88 28.00
C TYR C 147 0.01 -1.28 28.15
N GLY C 148 0.88 -0.66 27.33
CA GLY C 148 2.29 -0.94 27.36
C GLY C 148 2.75 -2.14 26.58
N LEU C 149 1.89 -2.64 25.70
CA LEU C 149 2.20 -3.88 24.99
C LEU C 149 2.94 -3.69 23.65
N ALA C 150 3.31 -4.80 23.03
CA ALA C 150 4.01 -4.79 21.73
C ALA C 150 3.42 -5.91 20.85
N LEU C 151 3.36 -5.68 19.54
CA LEU C 151 2.83 -6.67 18.60
C LEU C 151 3.91 -7.49 17.89
N ASP C 152 3.55 -8.71 17.49
CA ASP C 152 4.31 -9.49 16.51
C ASP C 152 4.40 -8.71 15.20
N ASN C 153 5.39 -9.02 14.35
CA ASN C 153 5.64 -8.23 13.12
C ASN C 153 4.52 -8.40 12.10
N TRP C 154 3.99 -9.64 12.02
CA TRP C 154 2.90 -9.94 11.11
C TRP C 154 1.72 -9.00 11.28
N SER C 155 1.28 -8.79 12.51
CA SER C 155 0.16 -7.87 12.76
C SER C 155 0.43 -6.48 12.22
N ILE C 156 1.65 -6.00 12.42
CA ILE C 156 2.05 -4.67 11.95
C ILE C 156 2.04 -4.63 10.42
N ARG C 157 2.60 -5.65 9.77
CA ARG C 157 2.71 -5.70 8.31
C ARG C 157 1.35 -5.91 7.62
N ARG C 158 0.58 -6.88 8.07
CA ARG C 158 -0.74 -7.04 7.47
C ARG C 158 -1.60 -5.78 7.74
N LEU C 159 -1.54 -5.23 8.96
CA LEU C 159 -2.29 -3.98 9.23
C LEU C 159 -1.89 -2.88 8.25
N SER C 160 -0.59 -2.73 8.02
CA SER C 160 -0.14 -1.68 7.11
C SER C 160 -0.64 -1.93 5.69
N SER C 161 -0.69 -3.21 5.30
CA SER C 161 -1.18 -3.52 3.97
C SER C 161 -2.67 -3.25 3.83
N LEU C 162 -3.42 -3.38 4.93
CA LEU C 162 -4.90 -3.24 4.85
C LEU C 162 -5.41 -1.83 5.08
N VAL C 163 -4.75 -1.07 5.95
CA VAL C 163 -5.17 0.32 6.18
C VAL C 163 -4.24 1.33 5.55
N GLY C 164 -3.12 0.88 5.01
CA GLY C 164 -2.10 1.79 4.52
C GLY C 164 -1.14 2.24 5.60
N HIS C 165 0.11 2.48 5.23
CA HIS C 165 1.18 2.74 6.20
C HIS C 165 0.81 3.89 7.13
N GLY C 166 0.24 4.95 6.56
CA GLY C 166 -0.05 6.17 7.33
C GLY C 166 -0.96 5.94 8.52
N ARG C 167 -2.07 5.27 8.26
CA ARG C 167 -3.06 4.99 9.27
C ARG C 167 -2.52 3.96 10.21
N ALA C 168 -1.69 3.05 9.70
CA ALA C 168 -1.05 2.07 10.56
C ALA C 168 -0.16 2.77 11.60
N ARG C 169 0.50 3.86 11.23
CA ARG C 169 1.33 4.57 12.21
C ARG C 169 0.43 5.14 13.33
N ALA C 170 -0.68 5.74 12.91
CA ALA C 170 -1.63 6.30 13.83
C ALA C 170 -2.25 5.26 14.75
N MET C 171 -2.65 4.11 14.20
CA MET C 171 -3.24 3.04 15.04
C MET C 171 -2.27 2.44 16.08
N LEU C 172 -1.05 2.24 15.67
CA LEU C 172 -0.05 1.60 16.55
C LEU C 172 0.59 2.62 17.51
N LEU C 173 0.86 3.85 17.07
CA LEU C 173 1.55 4.81 17.93
C LEU C 173 0.60 5.58 18.83
N SER C 174 -0.70 5.60 18.53
CA SER C 174 -1.67 6.43 19.27
C SER C 174 -3.03 5.78 19.53
N ALA C 175 -3.11 4.46 19.36
CA ALA C 175 -4.36 3.71 19.66
C ALA C 175 -5.59 4.21 18.86
N GLU C 176 -5.34 4.81 17.72
CA GLU C 176 -6.43 5.26 16.87
C GLU C 176 -7.35 4.13 16.48
N LYS C 177 -8.65 4.38 16.55
CA LYS C 177 -9.65 3.43 16.15
C LYS C 177 -9.96 3.63 14.69
N LEU C 178 -9.98 2.52 13.95
CA LEU C 178 -10.39 2.54 12.53
C LEU C 178 -11.90 2.29 12.47
N THR C 179 -12.68 3.26 12.01
CA THR C 179 -14.13 3.07 11.89
C THR C 179 -14.47 2.19 10.69
N ALA C 180 -15.72 1.73 10.63
CA ALA C 180 -16.19 0.88 9.51
C ALA C 180 -15.98 1.57 8.17
N GLU C 181 -16.34 2.84 8.12
CA GLU C 181 -16.30 3.68 6.91
C GLU C 181 -14.87 3.79 6.41
N ILE C 182 -13.97 4.07 7.33
CA ILE C 182 -12.59 4.27 6.94
C ILE C 182 -12.01 2.89 6.57
N ALA C 183 -12.49 1.84 7.24
CA ALA C 183 -12.15 0.49 6.84
C ALA C 183 -12.63 0.14 5.40
N LEU C 184 -13.81 0.59 4.99
CA LEU C 184 -14.24 0.35 3.60
C LEU C 184 -13.36 1.19 2.65
N HIS C 185 -13.02 2.38 3.07
CA HIS C 185 -12.21 3.27 2.26
C HIS C 185 -10.79 2.70 1.97
N THR C 186 -10.16 2.06 2.97
CA THR C 186 -8.80 1.58 2.82
C THR C 186 -8.79 0.14 2.27
N GLY C 187 -9.92 -0.55 2.38
CA GLY C 187 -9.94 -1.95 2.00
C GLY C 187 -9.82 -2.91 3.15
N MET C 188 -9.77 -2.43 4.38
CA MET C 188 -9.81 -3.31 5.53
C MET C 188 -11.15 -4.06 5.53
N ALA C 189 -12.21 -3.32 5.20
CA ALA C 189 -13.52 -3.85 4.95
C ALA C 189 -13.71 -3.94 3.45
N ASN C 190 -13.99 -5.14 2.94
CA ASN C 190 -14.34 -5.29 1.53
C ASN C 190 -15.75 -4.83 1.25
N ARG C 191 -16.65 -5.02 2.21
CA ARG C 191 -18.02 -4.48 2.17
C ARG C 191 -18.42 -4.11 3.57
N ILE C 192 -19.39 -3.20 3.67
CA ILE C 192 -20.10 -3.00 4.90
C ILE C 192 -21.37 -3.79 4.77
N GLY C 193 -21.71 -4.56 5.81
CA GLY C 193 -22.86 -5.42 5.74
C GLY C 193 -23.04 -6.27 6.97
N THR C 194 -24.08 -7.10 6.92
CA THR C 194 -24.46 -8.03 8.02
C THR C 194 -23.85 -9.39 7.76
N LEU C 195 -23.99 -10.28 8.76
CA LEU C 195 -23.70 -11.69 8.63
C LEU C 195 -24.37 -12.31 7.42
N ALA C 196 -25.60 -11.90 7.14
CA ALA C 196 -26.31 -12.38 5.95
C ALA C 196 -25.62 -11.97 4.65
N ASP C 197 -25.13 -10.72 4.62
CA ASP C 197 -24.37 -10.25 3.47
C ASP C 197 -23.14 -11.13 3.31
N ALA C 198 -22.42 -11.38 4.40
CA ALA C 198 -21.21 -12.20 4.34
C ALA C 198 -21.51 -13.61 3.87
N GLN C 199 -22.61 -14.19 4.35
CA GLN C 199 -23.00 -15.57 3.94
C GLN C 199 -23.35 -15.67 2.47
N ALA C 200 -24.13 -14.71 1.98
CA ALA C 200 -24.43 -14.60 0.56
C ALA C 200 -23.18 -14.46 -0.31
N TRP C 201 -22.14 -13.78 0.19
CA TRP C 201 -20.92 -13.64 -0.60
C TRP C 201 -20.09 -14.93 -0.49
N ALA C 202 -20.02 -15.50 0.71
CA ALA C 202 -19.37 -16.80 0.87
C ALA C 202 -19.97 -17.83 -0.12
N ALA C 203 -21.26 -17.71 -0.42
CA ALA C 203 -21.95 -18.71 -1.23
C ALA C 203 -21.63 -18.51 -2.70
N GLU C 204 -21.55 -17.26 -3.18
CA GLU C 204 -21.00 -16.97 -4.50
C GLU C 204 -19.58 -17.56 -4.57
N ILE C 205 -18.76 -17.27 -3.55
CA ILE C 205 -17.36 -17.68 -3.56
C ILE C 205 -17.22 -19.19 -3.53
N ALA C 206 -18.15 -19.88 -2.86
CA ALA C 206 -18.19 -21.36 -2.82
C ALA C 206 -18.46 -22.02 -4.18
N ARG C 207 -18.94 -21.25 -5.16
CA ARG C 207 -19.17 -21.76 -6.52
C ARG C 207 -17.97 -21.58 -7.45
N LEU C 208 -16.93 -20.88 -6.99
CA LEU C 208 -15.77 -20.57 -7.82
C LEU C 208 -14.69 -21.71 -7.83
N ALA C 209 -13.65 -21.56 -8.62
CA ALA C 209 -12.65 -22.63 -8.80
C ALA C 209 -11.74 -22.71 -7.61
N PRO C 210 -11.85 -23.78 -6.84
CA PRO C 210 -11.09 -23.85 -5.61
C PRO C 210 -9.60 -23.70 -5.75
N LEU C 211 -9.02 -24.24 -6.82
CA LEU C 211 -7.57 -24.23 -6.99
C LEU C 211 -7.08 -22.83 -7.31
N ALA C 212 -7.92 -22.00 -7.92
CA ALA C 212 -7.53 -20.62 -8.21
C ALA C 212 -7.50 -19.81 -6.93
N ILE C 213 -8.49 -20.06 -6.09
CA ILE C 213 -8.60 -19.47 -4.75
C ILE C 213 -7.41 -19.85 -3.88
N GLN C 214 -7.07 -21.13 -3.90
CA GLN C 214 -5.91 -21.63 -3.16
C GLN C 214 -4.56 -20.97 -3.53
N HIS C 215 -4.25 -20.94 -4.82
CA HIS C 215 -3.02 -20.31 -5.26
C HIS C 215 -2.95 -18.82 -4.86
N ALA C 216 -3.99 -18.07 -5.17
CA ALA C 216 -4.08 -16.64 -4.82
C ALA C 216 -3.95 -16.38 -3.34
N LYS C 217 -4.55 -17.22 -2.50
CA LYS C 217 -4.46 -17.06 -1.06
C LYS C 217 -3.04 -17.29 -0.62
N ARG C 218 -2.46 -18.40 -1.08
CA ARG C 218 -1.08 -18.67 -0.75
C ARG C 218 -0.18 -17.50 -1.13
N VAL C 219 -0.23 -17.06 -2.37
CA VAL C 219 0.67 -15.99 -2.82
C VAL C 219 0.39 -14.63 -2.06
N LEU C 220 -0.88 -14.31 -1.83
CA LEU C 220 -1.26 -13.12 -1.05
C LEU C 220 -0.74 -13.17 0.39
N ASN C 221 -0.84 -14.32 1.07
CA ASN C 221 -0.28 -14.46 2.42
C ASN C 221 1.25 -14.45 2.50
N ASP C 222 1.91 -14.82 1.41
CA ASP C 222 3.37 -14.77 1.30
C ASP C 222 3.86 -13.45 0.66
N ASP C 223 3.18 -12.34 0.97
CA ASP C 223 3.61 -11.01 0.53
C ASP C 223 4.79 -10.52 1.32
N GLY C 224 5.14 -11.21 2.41
CA GLY C 224 6.21 -10.79 3.33
C GLY C 224 5.70 -10.37 4.70
N ALA C 225 4.40 -10.18 4.82
CA ALA C 225 3.79 -9.95 6.11
C ALA C 225 4.25 -10.99 7.16
N ILE C 226 4.41 -12.26 6.79
CA ILE C 226 4.80 -13.30 7.77
C ILE C 226 6.31 -13.21 7.91
N GLU C 227 6.77 -12.43 8.88
CA GLU C 227 8.15 -11.99 8.94
C GLU C 227 8.67 -12.18 10.35
N GLU C 228 9.89 -12.71 10.42
CA GLU C 228 10.58 -12.93 11.69
C GLU C 228 10.99 -11.55 12.25
N ALA C 229 10.66 -11.27 13.49
CA ALA C 229 11.09 -10.03 14.14
C ALA C 229 12.61 -9.88 14.03
N TRP C 230 13.05 -8.69 13.64
CA TRP C 230 14.47 -8.36 13.64
C TRP C 230 15.00 -8.36 15.09
N PRO C 231 16.31 -8.48 15.29
CA PRO C 231 16.89 -8.43 16.64
C PRO C 231 16.43 -7.27 17.46
N ALA C 232 16.36 -6.08 16.86
CA ALA C 232 15.97 -4.88 17.58
C ALA C 232 14.47 -4.90 17.92
N HIS C 233 13.68 -5.58 17.12
CA HIS C 233 12.22 -5.64 17.32
C HIS C 233 11.88 -6.55 18.50
N LYS C 234 12.56 -7.67 18.53
CA LYS C 234 12.40 -8.62 19.62
C LYS C 234 12.87 -8.01 20.94
N GLU C 235 14.03 -7.37 20.92
CA GLU C 235 14.52 -6.67 22.13
C GLU C 235 13.42 -5.69 22.66
N LEU C 236 12.95 -4.75 21.84
CA LEU C 236 11.87 -3.83 22.26
C LEU C 236 10.55 -4.53 22.65
N PHE C 237 10.25 -5.67 22.05
CA PHE C 237 9.01 -6.40 22.33
C PHE C 237 9.07 -6.94 23.76
N ASP C 238 10.16 -7.67 24.05
CA ASP C 238 10.43 -8.25 25.35
C ASP C 238 10.55 -7.21 26.45
N LYS C 239 11.21 -6.08 26.15
CA LYS C 239 11.28 -4.98 27.11
C LYS C 239 9.90 -4.51 27.45
N ALA C 240 9.09 -4.21 26.44
CA ALA C 240 7.72 -3.76 26.65
C ALA C 240 6.92 -4.76 27.50
N TRP C 241 6.93 -6.05 27.14
CA TRP C 241 6.09 -7.01 27.85
C TRP C 241 6.57 -7.33 29.26
N GLY C 242 7.89 -7.22 29.49
CA GLY C 242 8.50 -7.36 30.84
C GLY C 242 8.54 -6.04 31.65
N SER C 243 7.97 -4.97 31.10
CA SER C 243 8.10 -3.65 31.72
C SER C 243 7.23 -3.45 32.96
N GLN C 244 7.69 -2.52 33.78
CA GLN C 244 6.91 -2.05 34.91
C GLN C 244 5.65 -1.28 34.42
N ASP C 245 5.74 -0.62 33.26
CA ASP C 245 4.60 0.12 32.69
C ASP C 245 3.38 -0.79 32.48
N VAL C 246 3.61 -2.05 32.09
CA VAL C 246 2.49 -2.99 31.94
C VAL C 246 1.74 -3.12 33.24
N ILE C 247 2.47 -3.16 34.34
CA ILE C 247 1.83 -3.25 35.67
C ILE C 247 1.10 -1.97 36.02
N GLU C 248 1.79 -0.85 35.82
CA GLU C 248 1.23 0.48 36.09
C GLU C 248 -0.10 0.73 35.40
N ALA C 249 -0.25 0.27 34.17
CA ALA C 249 -1.49 0.52 33.46
C ALA C 249 -2.63 -0.22 34.15
N GLN C 250 -2.35 -1.42 34.67
CA GLN C 250 -3.38 -2.17 35.41
C GLN C 250 -3.58 -1.52 36.80
N VAL C 251 -2.50 -1.15 37.46
CA VAL C 251 -2.63 -0.50 38.75
C VAL C 251 -3.51 0.74 38.66
N ALA C 252 -3.43 1.47 37.54
CA ALA C 252 -4.33 2.63 37.23
C ALA C 252 -5.82 2.27 37.05
N ARG C 253 -6.14 1.23 36.27
CA ARG C 253 -7.52 0.77 36.16
C ARG C 253 -8.09 0.29 37.52
N MET C 254 -7.24 0.26 38.56
CA MET C 254 -7.63 -0.13 39.91
C MET C 254 -7.68 1.05 40.86
N GLU C 255 -6.62 1.84 40.87
CA GLU C 255 -6.64 3.06 41.65
C GLU C 255 -7.56 4.08 40.94
N LYS C 256 -8.26 3.63 39.88
CA LYS C 256 -9.30 4.41 39.20
C LYS C 256 -8.77 5.78 38.74
N ARG C 257 -7.50 5.82 38.32
CA ARG C 257 -6.75 7.05 37.99
C ARG C 257 -5.98 6.88 36.64
N PRO C 258 -5.20 7.93 36.24
CA PRO C 258 -4.53 7.83 34.94
C PRO C 258 -3.09 7.33 35.07
N PRO C 259 -2.63 6.52 34.12
CA PRO C 259 -1.29 5.97 34.28
C PRO C 259 -0.21 7.00 34.26
N LYS C 260 0.84 6.74 35.02
CA LYS C 260 2.04 7.52 34.97
C LYS C 260 3.17 6.60 34.46
N PHE C 261 3.30 6.49 33.14
CA PHE C 261 4.32 5.62 32.55
C PHE C 261 5.74 6.19 32.69
N GLN C 262 6.70 5.29 32.85
CA GLN C 262 8.09 5.65 33.00
C GLN C 262 8.94 5.26 31.79
N GLY C 263 8.33 4.52 30.86
CA GLY C 263 9.04 4.00 29.71
C GLY C 263 10.00 2.93 30.14
N ALA C 264 9.60 2.15 31.14
CA ALA C 264 10.43 1.10 31.71
C ALA C 264 9.56 0.09 32.47
C1 PGE D . 18.96 11.49 3.00
O1 PGE D . 19.42 11.41 1.63
C2 PGE D . 17.57 10.87 3.22
O2 PGE D . 17.61 9.85 4.23
C3 PGE D . 16.42 9.07 4.31
C4 PGE D . 16.73 7.70 4.91
O4 PGE D . 18.14 5.32 8.54
C6 PGE D . 17.42 6.54 8.27
C5 PGE D . 16.55 6.44 7.01
O3 PGE D . 16.49 7.72 6.32
C1 PGE E . 4.56 -12.91 -18.06
O1 PGE E . 3.24 -13.18 -17.61
C2 PGE E . 4.86 -11.42 -18.02
O2 PGE E . 4.48 -10.92 -16.75
C3 PGE E . 4.93 -9.60 -16.46
C4 PGE E . 6.23 -9.63 -15.68
O4 PGE E . 10.19 -7.71 -16.56
C6 PGE E . 8.86 -7.27 -16.27
C5 PGE E . 8.16 -8.25 -15.34
O3 PGE E . 6.75 -8.30 -15.62
C1 PGE F . 0.30 -17.61 10.20
O1 PGE F . 1.43 -18.44 10.00
C2 PGE F . 0.73 -16.16 10.11
O2 PGE F . 0.10 -15.42 11.16
C3 PGE F . 0.98 -14.97 12.20
C4 PGE F . 0.15 -14.48 13.38
O4 PGE F . 0.36 -13.68 18.04
C6 PGE F . 0.83 -14.61 17.04
C5 PGE F . 0.06 -14.36 15.74
O3 PGE F . 0.77 -14.87 14.60
#